data_4X1C
#
_entry.id   4X1C
#
_cell.length_a   55.288
_cell.length_b   85.129
_cell.length_c   170.907
_cell.angle_alpha   90.000
_cell.angle_beta   96.910
_cell.angle_gamma   90.000
#
_symmetry.space_group_name_H-M   'C 1 2 1'
#
loop_
_entity.id
_entity.type
_entity.pdbx_description
1 polymer '2-hydroxymuconate tautomerase'
2 polymer '2-hydroxymuconate tautomerase'
3 non-polymer 'COBALT HEXAMMINE(III)'
4 water water
#
loop_
_entity_poly.entity_id
_entity_poly.type
_entity_poly.pdbx_seq_one_letter_code
_entity_poly.pdbx_strand_id
1 'polypeptide(L)' (N80)IAQIHILEGRSDEQKETLIREVSEAISRSLDAPLTSVRVIITEMAKGHFGIGGELASKVRR A,B,D,E,F,I,J,M,N,O
2 'polypeptide(L)' PIAQIHILEGRSDEQKETLIREVSEAISRSLDAPLTSVRVIITEMAKGHFGIGGELASKVRR C,G,H,K,L
#
loop_
_chem_comp.id
_chem_comp.type
_chem_comp.name
_chem_comp.formula
NCO non-polymer 'COBALT HEXAMMINE(III)' 'Co H18 N6 3'
#
# COMPACT_ATOMS: atom_id res chain seq x y z
O N80 A 1 -22.71 21.17 -14.55
C N80 A 1 -23.82 20.75 -14.47
CA N80 A 1 -24.80 21.59 -15.26
CB N80 A 1 -24.73 21.25 -16.73
CG N80 A 1 -24.91 22.54 -17.45
CD N80 A 1 -24.62 23.66 -16.53
N N80 A 1 -24.40 22.99 -15.24
CAD N80 A 1 -24.98 23.66 -14.20
CAA N80 A 1 -26.29 23.88 -14.22
N ILE A 2 -24.23 19.86 -13.82
CA ILE A 2 -23.37 19.01 -13.00
C ILE A 2 -23.64 17.57 -13.39
N ALA A 3 -22.61 16.89 -13.89
CA ALA A 3 -22.74 15.50 -14.30
C ALA A 3 -21.91 14.63 -13.38
N GLN A 4 -22.51 13.52 -12.93
CA GLN A 4 -21.77 12.51 -12.20
C GLN A 4 -21.80 11.24 -13.04
N ILE A 5 -20.61 10.71 -13.34
CA ILE A 5 -20.49 9.56 -14.21
C ILE A 5 -19.87 8.41 -13.44
N HIS A 6 -20.66 7.35 -13.26
CA HIS A 6 -20.20 6.13 -12.63
C HIS A 6 -19.60 5.24 -13.69
N ILE A 7 -18.35 4.86 -13.49
CA ILE A 7 -17.66 3.98 -14.42
C ILE A 7 -16.94 2.90 -13.64
N LEU A 8 -16.69 1.78 -14.29
CA LEU A 8 -15.94 0.69 -13.68
C LEU A 8 -14.48 1.13 -13.57
N GLU A 9 -13.82 0.70 -12.49
CA GLU A 9 -12.39 0.93 -12.35
C GLU A 9 -11.65 0.31 -13.53
N GLY A 10 -10.48 0.84 -13.86
CA GLY A 10 -9.61 0.26 -14.86
C GLY A 10 -9.16 1.20 -15.94
N ARG A 11 -9.80 2.36 -16.06
CA ARG A 11 -9.42 3.33 -17.09
C ARG A 11 -8.20 4.15 -16.66
N SER A 12 -7.44 4.61 -17.64
CA SER A 12 -6.28 5.46 -17.39
C SER A 12 -6.67 6.89 -17.03
N ASP A 13 -5.73 7.63 -16.44
CA ASP A 13 -5.90 9.05 -16.17
C ASP A 13 -6.18 9.81 -17.46
N GLU A 14 -5.47 9.44 -18.52
CA GLU A 14 -5.62 10.11 -19.81
C GLU A 14 -7.03 9.93 -20.35
N GLN A 15 -7.56 8.72 -20.26
CA GLN A 15 -8.93 8.43 -20.68
C GLN A 15 -9.96 9.20 -19.88
N LYS A 16 -9.74 9.29 -18.58
CA LYS A 16 -10.67 9.98 -17.69
C LYS A 16 -10.63 11.49 -17.94
N GLU A 17 -9.45 12.02 -18.25
CA GLU A 17 -9.32 13.43 -18.60
C GLU A 17 -10.08 13.72 -19.90
N THR A 18 -9.95 12.80 -20.86
CA THR A 18 -10.67 12.92 -22.13
C THR A 18 -12.18 12.89 -21.90
N LEU A 19 -12.62 11.95 -21.05
CA LEU A 19 -14.02 11.82 -20.68
C LEU A 19 -14.56 13.13 -20.14
N ILE A 20 -13.81 13.75 -19.23
CA ILE A 20 -14.25 15.00 -18.63
C ILE A 20 -14.38 16.11 -19.69
N ARG A 21 -13.37 16.24 -20.54
CA ARG A 21 -13.40 17.28 -21.57
C ARG A 21 -14.52 17.03 -22.58
N GLU A 22 -14.65 15.80 -23.09
CA GLU A 22 -15.62 15.53 -24.15
C GLU A 22 -17.05 15.64 -23.63
N VAL A 23 -17.30 15.13 -22.43
CA VAL A 23 -18.62 15.22 -21.84
C VAL A 23 -18.98 16.67 -21.54
N SER A 24 -18.03 17.45 -21.04
CA SER A 24 -18.28 18.86 -20.72
C SER A 24 -18.63 19.64 -21.98
N GLU A 25 -17.89 19.39 -23.06
CA GLU A 25 -18.17 20.04 -24.33
C GLU A 25 -19.55 19.63 -24.86
N ALA A 26 -19.88 18.36 -24.71
CA ALA A 26 -21.18 17.86 -25.17
C ALA A 26 -22.32 18.53 -24.42
N ILE A 27 -22.16 18.68 -23.10
CA ILE A 27 -23.15 19.36 -22.28
C ILE A 27 -23.27 20.82 -22.68
N SER A 28 -22.12 21.48 -22.80
CA SER A 28 -22.08 22.90 -23.15
C SER A 28 -22.78 23.18 -24.49
N ARG A 29 -22.46 22.38 -25.50
CA ARG A 29 -23.01 22.59 -26.84
C ARG A 29 -24.50 22.23 -26.92
N SER A 30 -24.90 21.17 -26.23
CA SER A 30 -26.29 20.69 -26.24
C SER A 30 -27.25 21.67 -25.55
N LEU A 31 -26.79 22.29 -24.47
CA LEU A 31 -27.63 23.13 -23.63
C LEU A 31 -27.39 24.62 -23.79
N ASP A 32 -26.44 24.99 -24.64
CA ASP A 32 -26.04 26.39 -24.77
C ASP A 32 -25.67 26.96 -23.42
N ALA A 33 -24.97 26.15 -22.64
CA ALA A 33 -24.47 26.56 -21.33
C ALA A 33 -23.01 26.97 -21.44
N PRO A 34 -22.60 27.98 -20.65
CA PRO A 34 -21.20 28.38 -20.64
C PRO A 34 -20.31 27.19 -20.25
N LEU A 35 -19.24 26.92 -20.99
CA LEU A 35 -18.41 25.75 -20.68
C LEU A 35 -17.90 25.76 -19.23
N THR A 36 -17.47 26.93 -18.73
CA THR A 36 -16.93 26.97 -17.36
C THR A 36 -17.97 26.69 -16.28
N SER A 37 -19.25 26.66 -16.64
CA SER A 37 -20.29 26.37 -15.66
C SER A 37 -20.45 24.86 -15.50
N VAL A 38 -19.85 24.10 -16.41
CA VAL A 38 -20.03 22.66 -16.43
C VAL A 38 -19.07 21.97 -15.49
N ARG A 39 -19.62 21.15 -14.60
CA ARG A 39 -18.82 20.37 -13.66
C ARG A 39 -19.06 18.90 -13.88
N VAL A 40 -17.99 18.11 -13.85
CA VAL A 40 -18.08 16.67 -14.06
C VAL A 40 -17.37 15.96 -12.92
N ILE A 41 -18.08 14.99 -12.34
CA ILE A 41 -17.54 14.12 -11.30
C ILE A 41 -17.43 12.72 -11.87
N ILE A 42 -16.24 12.15 -11.81
CA ILE A 42 -16.04 10.74 -12.16
C ILE A 42 -16.04 9.93 -10.88
N THR A 43 -16.92 8.93 -10.83
CA THR A 43 -17.00 8.03 -9.69
C THR A 43 -16.67 6.63 -10.15
N GLU A 44 -15.55 6.10 -9.68
CA GLU A 44 -15.12 4.77 -10.09
C GLU A 44 -15.76 3.72 -9.19
N MET A 45 -16.20 2.62 -9.81
CA MET A 45 -16.77 1.50 -9.09
C MET A 45 -15.86 0.30 -9.13
N ALA A 46 -15.57 -0.28 -7.97
CA ALA A 46 -14.88 -1.57 -7.92
C ALA A 46 -15.79 -2.62 -8.55
N LYS A 47 -15.20 -3.64 -9.15
CA LYS A 47 -15.99 -4.63 -9.88
C LYS A 47 -16.98 -5.36 -8.97
N GLY A 48 -16.60 -5.55 -7.71
CA GLY A 48 -17.44 -6.21 -6.74
C GLY A 48 -18.53 -5.33 -6.14
N HIS A 49 -18.61 -4.10 -6.63
CA HIS A 49 -19.58 -3.12 -6.13
C HIS A 49 -20.63 -2.75 -7.17
N PHE A 50 -20.61 -3.42 -8.31
CA PHE A 50 -21.56 -3.11 -9.38
C PHE A 50 -22.27 -4.38 -9.83
N GLY A 51 -23.60 -4.33 -9.77
CA GLY A 51 -24.44 -5.45 -10.10
C GLY A 51 -25.31 -5.20 -11.32
N ILE A 52 -25.39 -6.21 -12.17
CA ILE A 52 -26.35 -6.26 -13.28
C ILE A 52 -27.14 -7.55 -13.17
N GLY A 53 -28.46 -7.42 -13.10
CA GLY A 53 -29.32 -8.59 -12.98
C GLY A 53 -29.13 -9.38 -11.70
N GLY A 54 -28.64 -8.71 -10.66
CA GLY A 54 -28.46 -9.32 -9.37
C GLY A 54 -27.13 -10.02 -9.20
N GLU A 55 -26.32 -9.99 -10.26
CA GLU A 55 -25.01 -10.65 -10.27
C GLU A 55 -23.92 -9.61 -10.44
N LEU A 56 -22.74 -9.90 -9.88
CA LEU A 56 -21.62 -8.97 -9.98
C LEU A 56 -21.24 -8.81 -11.44
N ALA A 57 -20.78 -7.63 -11.81
CA ALA A 57 -20.39 -7.41 -13.19
C ALA A 57 -19.00 -8.01 -13.44
N SER A 58 -18.40 -8.53 -12.37
CA SER A 58 -17.17 -9.31 -12.46
C SER A 58 -17.26 -10.36 -13.57
O N80 B 1 -31.94 -0.38 -12.27
C N80 B 1 -32.65 0.59 -12.02
CA N80 B 1 -34.11 0.56 -12.44
CB N80 B 1 -34.94 -0.21 -11.40
CG N80 B 1 -36.00 -0.87 -12.21
CD N80 B 1 -35.39 -1.19 -13.55
N N80 B 1 -34.28 -0.23 -13.65
CAD N80 B 1 -34.35 0.58 -14.80
CAA N80 B 1 -35.15 1.66 -14.84
N ILE B 2 -32.23 1.69 -11.39
CA ILE B 2 -30.85 1.87 -10.94
C ILE B 2 -30.85 2.26 -9.47
N ALA B 3 -30.22 1.43 -8.64
CA ALA B 3 -30.14 1.68 -7.21
C ALA B 3 -28.70 1.98 -6.82
N GLN B 4 -28.53 3.03 -6.03
CA GLN B 4 -27.22 3.31 -5.41
C GLN B 4 -27.41 3.18 -3.93
N ILE B 5 -26.60 2.32 -3.31
CA ILE B 5 -26.73 2.03 -1.89
C ILE B 5 -25.47 2.50 -1.19
N HIS B 6 -25.63 3.48 -0.30
CA HIS B 6 -24.54 3.95 0.55
C HIS B 6 -24.49 3.13 1.82
N ILE B 7 -23.35 2.51 2.07
CA ILE B 7 -23.18 1.70 3.27
C ILE B 7 -21.84 1.99 3.90
N LEU B 8 -21.72 1.72 5.19
CA LEU B 8 -20.46 1.89 5.88
C LEU B 8 -19.50 0.81 5.44
N GLU B 9 -18.23 1.16 5.31
CA GLU B 9 -17.18 0.18 5.04
C GLU B 9 -17.17 -0.89 6.13
N GLY B 10 -16.68 -2.07 5.79
CA GLY B 10 -16.48 -3.13 6.78
C GLY B 10 -17.13 -4.45 6.43
N ARG B 11 -18.04 -4.45 5.45
CA ARG B 11 -18.70 -5.69 5.06
C ARG B 11 -17.82 -6.52 4.15
N SER B 12 -18.01 -7.82 4.17
CA SER B 12 -17.29 -8.73 3.31
C SER B 12 -17.81 -8.68 1.88
N ASP B 13 -16.99 -9.14 0.94
CA ASP B 13 -17.42 -9.28 -0.45
C ASP B 13 -18.67 -10.16 -0.53
N GLU B 14 -18.70 -11.21 0.28
CA GLU B 14 -19.82 -12.15 0.28
C GLU B 14 -21.13 -11.46 0.66
N GLN B 15 -21.07 -10.64 1.70
CA GLN B 15 -22.23 -9.86 2.13
C GLN B 15 -22.69 -8.87 1.07
N LYS B 16 -21.73 -8.22 0.42
CA LYS B 16 -22.07 -7.25 -0.62
C LYS B 16 -22.66 -7.94 -1.84
N GLU B 17 -22.18 -9.13 -2.15
CA GLU B 17 -22.74 -9.92 -3.25
C GLU B 17 -24.20 -10.28 -2.92
N THR B 18 -24.43 -10.69 -1.68
CA THR B 18 -25.78 -11.02 -1.23
C THR B 18 -26.68 -9.78 -1.32
N LEU B 19 -26.16 -8.65 -0.88
CA LEU B 19 -26.88 -7.38 -0.95
C LEU B 19 -27.36 -7.10 -2.38
N ILE B 20 -26.45 -7.23 -3.33
CA ILE B 20 -26.77 -6.96 -4.73
C ILE B 20 -27.86 -7.92 -5.23
N ARG B 21 -27.72 -9.21 -4.91
CA ARG B 21 -28.70 -10.19 -5.36
CA ARG B 21 -28.69 -10.20 -5.33
C ARG B 21 -30.07 -9.93 -4.74
N GLU B 22 -30.11 -9.73 -3.43
CA GLU B 22 -31.39 -9.59 -2.74
C GLU B 22 -32.11 -8.29 -3.09
N VAL B 23 -31.36 -7.20 -3.18
CA VAL B 23 -31.95 -5.92 -3.57
C VAL B 23 -32.44 -5.97 -5.01
N SER B 24 -31.68 -6.59 -5.90
CA SER B 24 -32.07 -6.67 -7.30
C SER B 24 -33.36 -7.46 -7.47
N GLU B 25 -33.48 -8.57 -6.75
CA GLU B 25 -34.70 -9.38 -6.80
C GLU B 25 -35.88 -8.59 -6.24
N ALA B 26 -35.64 -7.86 -5.15
CA ALA B 26 -36.70 -7.06 -4.53
C ALA B 26 -37.23 -5.99 -5.49
N ILE B 27 -36.31 -5.33 -6.19
CA ILE B 27 -36.69 -4.32 -7.18
C ILE B 27 -37.46 -4.95 -8.34
N SER B 28 -36.93 -6.04 -8.87
CA SER B 28 -37.55 -6.73 -10.00
C SER B 28 -38.97 -7.19 -9.67
N ARG B 29 -39.14 -7.85 -8.53
CA ARG B 29 -40.44 -8.38 -8.17
CA ARG B 29 -40.43 -8.38 -8.12
C ARG B 29 -41.44 -7.27 -7.85
N SER B 30 -40.98 -6.22 -7.16
CA SER B 30 -41.83 -5.11 -6.75
C SER B 30 -42.38 -4.29 -7.91
N LEU B 31 -41.54 -4.11 -8.94
CA LEU B 31 -41.86 -3.24 -10.06
C LEU B 31 -42.25 -3.97 -11.33
N ASP B 32 -42.24 -5.31 -11.29
CA ASP B 32 -42.46 -6.11 -12.48
C ASP B 32 -41.48 -5.68 -13.57
N ALA B 33 -40.23 -5.48 -13.14
CA ALA B 33 -39.15 -5.12 -14.06
C ALA B 33 -38.29 -6.34 -14.40
N PRO B 34 -37.81 -6.41 -15.66
CA PRO B 34 -36.91 -7.50 -16.06
C PRO B 34 -35.67 -7.50 -15.17
N LEU B 35 -35.29 -8.64 -14.60
CA LEU B 35 -34.18 -8.66 -13.65
C LEU B 35 -32.90 -8.09 -14.28
N THR B 36 -32.62 -8.41 -15.54
CA THR B 36 -31.40 -7.91 -16.20
C THR B 36 -31.39 -6.39 -16.38
N SER B 37 -32.53 -5.74 -16.21
CA SER B 37 -32.59 -4.29 -16.36
C SER B 37 -32.18 -3.62 -15.06
N VAL B 38 -32.07 -4.39 -13.99
CA VAL B 38 -31.76 -3.82 -12.67
C VAL B 38 -30.26 -3.68 -12.48
N ARG B 39 -29.84 -2.48 -12.13
CA ARG B 39 -28.46 -2.18 -11.82
C ARG B 39 -28.34 -1.68 -10.40
N VAL B 40 -27.32 -2.17 -9.70
CA VAL B 40 -27.07 -1.79 -8.32
C VAL B 40 -25.62 -1.34 -8.18
N ILE B 41 -25.47 -0.18 -7.56
CA ILE B 41 -24.16 0.40 -7.25
C ILE B 41 -24.01 0.42 -5.74
N ILE B 42 -22.94 -0.20 -5.24
CA ILE B 42 -22.61 -0.10 -3.83
C ILE B 42 -21.56 0.99 -3.66
N THR B 43 -21.85 1.95 -2.79
CA THR B 43 -20.90 3.02 -2.49
C THR B 43 -20.55 2.94 -1.01
N GLU B 44 -19.30 2.60 -0.70
CA GLU B 44 -18.88 2.47 0.68
C GLU B 44 -18.44 3.80 1.29
N MET B 45 -18.84 4.02 2.54
CA MET B 45 -18.46 5.22 3.29
C MET B 45 -17.50 4.87 4.42
N ALA B 46 -16.37 5.58 4.49
CA ALA B 46 -15.51 5.48 5.66
C ALA B 46 -16.28 6.05 6.84
N LYS B 47 -16.01 5.53 8.03
CA LYS B 47 -16.75 5.89 9.24
C LYS B 47 -16.65 7.40 9.50
N GLY B 48 -15.50 7.98 9.16
CA GLY B 48 -15.28 9.41 9.36
C GLY B 48 -15.93 10.29 8.30
N HIS B 49 -16.67 9.67 7.38
CA HIS B 49 -17.32 10.39 6.28
C HIS B 49 -18.84 10.36 6.36
N PHE B 50 -19.37 9.80 7.44
CA PHE B 50 -20.82 9.68 7.59
C PHE B 50 -21.25 10.27 8.92
N GLY B 51 -22.16 11.24 8.83
CA GLY B 51 -22.64 11.93 10.01
C GLY B 51 -24.12 11.70 10.27
N ILE B 52 -24.45 11.46 11.54
CA ILE B 52 -25.83 11.45 12.01
C ILE B 52 -25.98 12.40 13.18
N GLY B 53 -26.91 13.34 13.04
CA GLY B 53 -27.13 14.34 14.08
C GLY B 53 -25.95 15.26 14.27
N GLY B 54 -25.14 15.40 13.23
CA GLY B 54 -24.00 16.30 13.26
C GLY B 54 -22.74 15.67 13.84
N GLU B 55 -22.86 14.41 14.25
CA GLU B 55 -21.74 13.66 14.85
C GLU B 55 -21.39 12.44 14.00
N LEU B 56 -20.12 12.07 14.05
CA LEU B 56 -19.60 10.93 13.29
C LEU B 56 -20.27 9.62 13.70
N PRO C 1 -27.81 2.22 6.35
CA PRO C 1 -27.73 2.21 4.89
C PRO C 1 -28.73 3.15 4.23
N ILE C 2 -28.31 3.80 3.15
CA ILE C 2 -29.15 4.73 2.42
C ILE C 2 -29.17 4.32 0.95
N ALA C 3 -30.36 4.02 0.45
CA ALA C 3 -30.52 3.62 -0.94
C ALA C 3 -31.30 4.67 -1.70
N GLN C 4 -30.82 4.99 -2.89
CA GLN C 4 -31.57 5.83 -3.81
C GLN C 4 -31.88 4.99 -5.04
N ILE C 5 -33.15 4.89 -5.39
CA ILE C 5 -33.58 4.05 -6.49
C ILE C 5 -34.19 4.91 -7.57
N HIS C 6 -33.54 4.93 -8.74
CA HIS C 6 -34.06 5.64 -9.89
C HIS C 6 -34.97 4.69 -10.65
N ILE C 7 -36.23 5.09 -10.83
CA ILE C 7 -37.21 4.28 -11.55
C ILE C 7 -37.97 5.17 -12.51
N LEU C 8 -38.55 4.57 -13.54
CA LEU C 8 -39.38 5.32 -14.47
C LEU C 8 -40.71 5.68 -13.79
N GLU C 9 -41.22 6.87 -14.08
CA GLU C 9 -42.56 7.26 -13.62
C GLU C 9 -43.62 6.30 -14.13
N GLY C 10 -44.73 6.23 -13.40
CA GLY C 10 -45.89 5.48 -13.83
C GLY C 10 -46.43 4.50 -12.81
N ARG C 11 -45.65 4.21 -11.77
CA ARG C 11 -46.10 3.28 -10.74
C ARG C 11 -47.08 3.95 -9.78
N SER C 12 -47.94 3.13 -9.20
CA SER C 12 -48.87 3.59 -8.17
C SER C 12 -48.17 3.83 -6.86
N ASP C 13 -48.81 4.58 -5.96
CA ASP C 13 -48.30 4.76 -4.61
C ASP C 13 -48.09 3.42 -3.92
N GLU C 14 -49.04 2.52 -4.12
CA GLU C 14 -49.00 1.19 -3.49
C GLU C 14 -47.77 0.39 -3.94
N GLN C 15 -47.50 0.41 -5.24
CA GLN C 15 -46.33 -0.26 -5.80
C GLN C 15 -45.03 0.28 -5.22
N LYS C 16 -44.95 1.59 -5.09
CA LYS C 16 -43.77 2.24 -4.56
C LYS C 16 -43.61 1.95 -3.07
N GLU C 17 -44.73 1.82 -2.36
CA GLU C 17 -44.67 1.46 -0.94
C GLU C 17 -44.09 0.04 -0.81
N THR C 18 -44.54 -0.86 -1.67
CA THR C 18 -44.04 -2.23 -1.68
C THR C 18 -42.55 -2.24 -1.99
N LEU C 19 -42.13 -1.46 -2.99
CA LEU C 19 -40.73 -1.34 -3.36
C LEU C 19 -39.88 -0.93 -2.15
N ILE C 20 -40.34 0.09 -1.44
CA ILE C 20 -39.61 0.59 -0.28
C ILE C 20 -39.50 -0.49 0.80
N ARG C 21 -40.59 -1.19 1.06
CA ARG C 21 -40.58 -2.22 2.09
C ARG C 21 -39.64 -3.36 1.73
N GLU C 22 -39.77 -3.87 0.51
CA GLU C 22 -39.02 -5.05 0.11
C GLU C 22 -37.53 -4.75 -0.03
N VAL C 23 -37.20 -3.59 -0.58
CA VAL C 23 -35.80 -3.18 -0.69
C VAL C 23 -35.21 -2.95 0.70
N SER C 24 -35.97 -2.33 1.59
CA SER C 24 -35.47 -2.07 2.94
C SER C 24 -35.19 -3.39 3.68
N GLU C 25 -36.07 -4.36 3.54
CA GLU C 25 -35.88 -5.66 4.16
C GLU C 25 -34.68 -6.37 3.55
N ALA C 26 -34.52 -6.28 2.23
CA ALA C 26 -33.39 -6.92 1.56
C ALA C 26 -32.06 -6.35 2.06
N ILE C 27 -31.99 -5.03 2.21
CA ILE C 27 -30.79 -4.38 2.71
C ILE C 27 -30.51 -4.84 4.14
N SER C 28 -31.54 -4.83 4.97
CA SER C 28 -31.41 -5.21 6.37
C SER C 28 -30.85 -6.61 6.56
N ARG C 29 -31.44 -7.59 5.89
CA ARG C 29 -31.02 -8.97 6.06
C ARG C 29 -29.66 -9.24 5.41
N SER C 30 -29.38 -8.61 4.28
CA SER C 30 -28.11 -8.82 3.59
C SER C 30 -26.90 -8.33 4.38
N LEU C 31 -27.06 -7.19 5.05
CA LEU C 31 -25.96 -6.52 5.74
C LEU C 31 -26.04 -6.64 7.25
N ASP C 32 -27.11 -7.27 7.71
CA ASP C 32 -27.41 -7.35 9.13
C ASP C 32 -27.43 -5.99 9.77
N ALA C 33 -28.04 -5.04 9.07
CA ALA C 33 -28.21 -3.73 9.62
C ALA C 33 -29.61 -3.67 10.20
N PRO C 34 -29.77 -2.99 11.34
CA PRO C 34 -31.12 -2.86 11.90
C PRO C 34 -32.03 -2.19 10.89
N LEU C 35 -33.21 -2.77 10.69
CA LEU C 35 -34.15 -2.28 9.69
C LEU C 35 -34.43 -0.79 9.91
N THR C 36 -34.53 -0.39 11.17
CA THR C 36 -34.87 0.99 11.50
C THR C 36 -33.83 1.99 11.01
N SER C 37 -32.64 1.50 10.68
CA SER C 37 -31.55 2.36 10.22
C SER C 37 -31.58 2.55 8.70
N VAL C 38 -32.40 1.76 8.01
CA VAL C 38 -32.42 1.77 6.55
C VAL C 38 -33.32 2.88 6.00
N ARG C 39 -32.76 3.69 5.11
CA ARG C 39 -33.52 4.73 4.45
C ARG C 39 -33.50 4.50 2.95
N VAL C 40 -34.65 4.70 2.32
CA VAL C 40 -34.80 4.50 0.88
C VAL C 40 -35.43 5.74 0.27
N ILE C 41 -34.79 6.22 -0.79
CA ILE C 41 -35.27 7.35 -1.57
C ILE C 41 -35.68 6.85 -2.94
N ILE C 42 -36.92 7.09 -3.33
CA ILE C 42 -37.34 6.78 -4.69
C ILE C 42 -37.24 8.05 -5.52
N THR C 43 -36.53 7.96 -6.64
CA THR C 43 -36.40 9.08 -7.57
C THR C 43 -37.03 8.66 -8.88
N GLU C 44 -38.13 9.30 -9.26
CA GLU C 44 -38.81 8.96 -10.49
C GLU C 44 -38.22 9.68 -11.70
N MET C 45 -38.10 8.97 -12.82
CA MET C 45 -37.63 9.54 -14.08
C MET C 45 -38.74 9.58 -15.12
N ALA C 46 -38.95 10.74 -15.75
CA ALA C 46 -39.81 10.82 -16.92
C ALA C 46 -39.16 10.05 -18.07
N LYS C 47 -39.96 9.48 -18.98
CA LYS C 47 -39.40 8.68 -20.05
C LYS C 47 -38.45 9.48 -20.94
N GLY C 48 -38.70 10.78 -21.08
CA GLY C 48 -37.85 11.63 -21.88
C GLY C 48 -36.56 12.02 -21.20
N HIS C 49 -36.32 11.49 -20.00
CA HIS C 49 -35.14 11.82 -19.20
C HIS C 49 -34.18 10.65 -19.01
N PHE C 50 -34.46 9.52 -19.65
CA PHE C 50 -33.64 8.33 -19.47
C PHE C 50 -33.19 7.77 -20.81
N GLY C 51 -31.87 7.68 -20.95
CA GLY C 51 -31.27 7.21 -22.19
C GLY C 51 -30.52 5.91 -22.05
N ILE C 52 -30.69 5.05 -23.06
CA ILE C 52 -29.88 3.85 -23.24
C ILE C 52 -29.28 3.86 -24.63
N GLY C 53 -27.96 3.81 -24.70
CA GLY C 53 -27.28 3.83 -26.00
C GLY C 53 -27.51 5.11 -26.76
N GLY C 54 -27.78 6.19 -26.03
CA GLY C 54 -27.94 7.50 -26.63
C GLY C 54 -29.36 7.77 -27.13
N GLU C 55 -30.23 6.79 -26.96
CA GLU C 55 -31.63 6.90 -27.37
C GLU C 55 -32.52 6.83 -26.15
N LEU C 56 -33.67 7.47 -26.22
CA LEU C 56 -34.61 7.44 -25.12
C LEU C 56 -34.93 5.96 -24.95
N ALA C 57 -35.15 5.53 -23.73
CA ALA C 57 -35.35 4.11 -23.49
C ALA C 57 -36.73 3.70 -23.97
N SER C 58 -37.70 4.61 -23.80
CA SER C 58 -39.02 4.45 -24.38
C SER C 58 -38.95 3.99 -25.84
O N80 D 1 -23.56 4.15 -18.28
C N80 D 1 -22.65 4.29 -17.45
CA N80 D 1 -21.27 3.69 -17.73
CB N80 D 1 -20.46 4.65 -18.60
CG N80 D 1 -19.58 3.76 -19.42
CD N80 D 1 -20.27 2.42 -19.55
N N80 D 1 -21.38 2.51 -18.59
CAD N80 D 1 -21.61 1.32 -17.85
CAA N80 D 1 -20.64 0.75 -17.14
N ILE D 2 -22.79 4.94 -16.31
CA ILE D 2 -24.06 5.56 -15.89
C ILE D 2 -23.80 7.01 -15.53
N ALA D 3 -24.42 7.91 -16.28
CA ALA D 3 -24.26 9.34 -16.03
C ALA D 3 -25.56 9.93 -15.55
N GLN D 4 -25.47 10.75 -14.51
CA GLN D 4 -26.59 11.55 -14.05
C GLN D 4 -26.22 13.00 -14.24
N ILE D 5 -27.07 13.72 -14.98
CA ILE D 5 -26.82 15.11 -15.30
C ILE D 5 -27.91 15.98 -14.67
N HIS D 6 -27.49 16.83 -13.74
CA HIS D 6 -28.37 17.82 -13.15
C HIS D 6 -28.35 19.08 -13.99
N ILE D 7 -29.51 19.49 -14.47
CA ILE D 7 -29.64 20.67 -15.30
C ILE D 7 -30.82 21.51 -14.80
N LEU D 8 -30.80 22.79 -15.10
CA LEU D 8 -31.92 23.65 -14.75
C LEU D 8 -33.12 23.32 -15.64
N GLU D 9 -34.32 23.33 -15.06
CA GLU D 9 -35.54 23.16 -15.83
C GLU D 9 -35.64 24.22 -16.93
N GLY D 10 -36.40 23.91 -17.98
CA GLY D 10 -36.70 24.90 -19.00
C GLY D 10 -36.42 24.46 -20.42
N ARG D 11 -35.66 23.38 -20.57
CA ARG D 11 -35.34 22.89 -21.91
C ARG D 11 -36.49 22.09 -22.49
N SER D 12 -36.57 22.08 -23.82
CA SER D 12 -37.55 21.29 -24.53
C SER D 12 -37.17 19.81 -24.47
N ASP D 13 -38.14 18.95 -24.76
CA ASP D 13 -37.89 17.51 -24.87
C ASP D 13 -36.82 17.24 -25.93
N GLU D 14 -36.91 17.97 -27.04
CA GLU D 14 -35.96 17.80 -28.14
C GLU D 14 -34.53 18.14 -27.71
N GLN D 15 -34.38 19.23 -26.97
CA GLN D 15 -33.07 19.64 -26.46
C GLN D 15 -32.47 18.59 -25.53
N LYS D 16 -33.31 18.02 -24.67
CA LYS D 16 -32.87 17.01 -23.72
C LYS D 16 -32.52 15.70 -24.42
N GLU D 17 -33.24 15.40 -25.50
CA GLU D 17 -32.93 14.22 -26.29
C GLU D 17 -31.54 14.39 -26.91
N THR D 18 -31.24 15.59 -27.41
CA THR D 18 -29.93 15.89 -27.97
C THR D 18 -28.83 15.76 -26.91
N LEU D 19 -29.10 16.28 -25.72
CA LEU D 19 -28.18 16.17 -24.59
C LEU D 19 -27.84 14.71 -24.31
N ILE D 20 -28.85 13.87 -24.24
CA ILE D 20 -28.66 12.45 -23.95
C ILE D 20 -27.80 11.83 -25.05
N ARG D 21 -28.11 12.15 -26.30
CA ARG D 21 -27.37 11.58 -27.42
C ARG D 21 -25.91 12.03 -27.41
N GLU D 22 -25.68 13.33 -27.29
CA GLU D 22 -24.33 13.86 -27.39
C GLU D 22 -23.46 13.41 -26.24
N VAL D 23 -24.02 13.39 -25.03
CA VAL D 23 -23.28 12.94 -23.86
C VAL D 23 -22.96 11.45 -23.98
N SER D 24 -23.93 10.66 -24.43
CA SER D 24 -23.71 9.22 -24.56
C SER D 24 -22.59 8.92 -25.55
N GLU D 25 -22.59 9.64 -26.66
CA GLU D 25 -21.56 9.48 -27.67
C GLU D 25 -20.20 9.86 -27.10
N ALA D 26 -20.17 10.95 -26.33
CA ALA D 26 -18.94 11.45 -25.73
C ALA D 26 -18.35 10.42 -24.78
N ILE D 27 -19.20 9.80 -23.97
CA ILE D 27 -18.76 8.79 -23.03
C ILE D 27 -18.19 7.61 -23.79
N SER D 28 -18.93 7.18 -24.81
CA SER D 28 -18.51 6.05 -25.64
C SER D 28 -17.14 6.28 -26.27
N ARG D 29 -16.91 7.45 -26.87
CA ARG D 29 -15.65 7.70 -27.57
C ARG D 29 -14.49 7.80 -26.58
N SER D 30 -14.76 8.42 -25.44
CA SER D 30 -13.73 8.67 -24.43
C SER D 30 -13.18 7.41 -23.77
N LEU D 31 -14.06 6.45 -23.51
CA LEU D 31 -13.71 5.26 -22.73
C LEU D 31 -13.60 4.01 -23.57
N ASP D 32 -13.86 4.13 -24.87
CA ASP D 32 -13.96 2.97 -25.75
C ASP D 32 -14.96 1.97 -25.19
N ALA D 33 -16.06 2.48 -24.65
CA ALA D 33 -17.13 1.62 -24.16
C ALA D 33 -18.21 1.54 -25.24
N PRO D 34 -18.81 0.36 -25.43
CA PRO D 34 -19.89 0.21 -26.41
C PRO D 34 -21.03 1.16 -26.10
N LEU D 35 -21.54 1.84 -27.11
CA LEU D 35 -22.59 2.82 -26.92
C LEU D 35 -23.79 2.20 -26.20
N THR D 36 -24.12 0.95 -26.53
CA THR D 36 -25.29 0.29 -25.94
C THR D 36 -25.18 0.10 -24.43
N SER D 37 -23.97 0.23 -23.90
CA SER D 37 -23.74 0.08 -22.46
C SER D 37 -23.92 1.37 -21.68
N VAL D 38 -24.02 2.49 -22.40
CA VAL D 38 -24.10 3.80 -21.76
C VAL D 38 -25.53 4.18 -21.38
N ARG D 39 -25.73 4.54 -20.12
CA ARG D 39 -27.02 5.02 -19.64
C ARG D 39 -26.92 6.44 -19.11
N VAL D 40 -27.91 7.26 -19.43
CA VAL D 40 -27.92 8.66 -19.01
C VAL D 40 -29.25 8.99 -18.33
N ILE D 41 -29.13 9.62 -17.16
CA ILE D 41 -30.28 10.11 -16.40
C ILE D 41 -30.23 11.63 -16.37
N ILE D 42 -31.29 12.28 -16.83
CA ILE D 42 -31.41 13.73 -16.70
C ILE D 42 -32.24 14.05 -15.47
N THR D 43 -31.69 14.88 -14.60
CA THR D 43 -32.41 15.32 -13.41
C THR D 43 -32.56 16.84 -13.48
N GLU D 44 -33.79 17.30 -13.62
CA GLU D 44 -34.05 18.72 -13.72
C GLU D 44 -34.16 19.38 -12.36
N MET D 45 -33.57 20.57 -12.26
CA MET D 45 -33.62 21.40 -11.05
C MET D 45 -34.47 22.65 -11.28
N ALA D 46 -35.41 22.92 -10.38
CA ALA D 46 -36.12 24.19 -10.38
C ALA D 46 -35.16 25.33 -10.04
N LYS D 47 -35.45 26.53 -10.53
CA LYS D 47 -34.55 27.66 -10.34
C LYS D 47 -34.31 27.97 -8.87
N GLY D 48 -35.34 27.76 -8.05
CA GLY D 48 -35.23 28.01 -6.62
C GLY D 48 -34.55 26.89 -5.86
N HIS D 49 -34.09 25.87 -6.57
CA HIS D 49 -33.47 24.70 -5.92
C HIS D 49 -31.99 24.55 -6.20
N PHE D 50 -31.38 25.53 -6.87
CA PHE D 50 -29.97 25.45 -7.22
C PHE D 50 -29.26 26.69 -6.74
N GLY D 51 -28.23 26.49 -5.94
CA GLY D 51 -27.49 27.59 -5.35
C GLY D 51 -26.07 27.68 -5.87
N ILE D 52 -25.67 28.92 -6.16
CA ILE D 52 -24.31 29.28 -6.49
C ILE D 52 -23.82 30.38 -5.57
N GLY D 53 -22.76 30.09 -4.82
CA GLY D 53 -22.22 31.06 -3.89
C GLY D 53 -23.22 31.42 -2.81
N GLY D 54 -24.16 30.51 -2.54
CA GLY D 54 -25.15 30.74 -1.50
C GLY D 54 -26.37 31.49 -2.01
N GLU D 55 -26.37 31.83 -3.30
CA GLU D 55 -27.48 32.58 -3.89
C GLU D 55 -28.22 31.72 -4.90
N LEU D 56 -29.53 31.97 -4.99
CA LEU D 56 -30.41 31.25 -5.89
C LEU D 56 -30.04 31.50 -7.34
N ALA D 57 -30.32 30.51 -8.19
CA ALA D 57 -30.05 30.67 -9.61
C ALA D 57 -31.14 31.58 -10.15
N SER D 58 -32.38 31.36 -9.71
CA SER D 58 -33.50 32.25 -10.00
C SER D 58 -33.21 33.74 -9.78
N LYS D 59 -32.17 34.05 -9.02
CA LYS D 59 -31.83 35.44 -8.70
C LYS D 59 -30.46 35.85 -9.23
O N80 E 1 -19.69 22.73 -4.11
C N80 E 1 -19.13 21.69 -3.80
CA N80 E 1 -17.71 21.73 -3.24
CB N80 E 1 -17.73 22.14 -1.77
CG N80 E 1 -16.45 22.88 -1.57
CD N80 E 1 -16.12 23.54 -2.90
N N80 E 1 -16.96 22.83 -3.86
CAD N80 E 1 -16.28 22.43 -5.03
CAA N80 E 1 -15.44 21.39 -5.01
N ILE E 2 -19.67 20.48 -3.94
CA ILE E 2 -21.03 20.30 -4.48
C ILE E 2 -21.84 19.47 -3.49
N ALA E 3 -22.92 20.06 -2.98
CA ALA E 3 -23.81 19.40 -2.04
C ALA E 3 -25.16 19.15 -2.69
N GLN E 4 -25.67 17.94 -2.50
CA GLN E 4 -27.04 17.61 -2.89
C GLN E 4 -27.78 17.27 -1.61
N ILE E 5 -28.89 17.97 -1.37
CA ILE E 5 -29.65 17.77 -0.14
C ILE E 5 -31.05 17.26 -0.48
N HIS E 6 -31.33 16.05 -0.05
CA HIS E 6 -32.66 15.48 -0.18
C HIS E 6 -33.49 15.89 1.03
N ILE E 7 -34.62 16.53 0.77
CA ILE E 7 -35.52 16.96 1.83
C ILE E 7 -36.94 16.61 1.45
N LEU E 8 -37.81 16.47 2.44
CA LEU E 8 -39.21 16.22 2.14
C LEU E 8 -39.85 17.47 1.56
N GLU E 9 -40.75 17.27 0.60
CA GLU E 9 -41.55 18.36 0.05
C GLU E 9 -42.34 19.07 1.15
N GLY E 10 -42.69 20.33 0.91
CA GLY E 10 -43.56 21.07 1.81
C GLY E 10 -43.03 22.39 2.29
N ARG E 11 -41.73 22.64 2.10
CA ARG E 11 -41.13 23.89 2.55
C ARG E 11 -41.40 25.02 1.55
N SER E 12 -41.40 26.24 2.06
CA SER E 12 -41.56 27.43 1.23
C SER E 12 -40.29 27.72 0.44
N ASP E 13 -40.43 28.53 -0.60
CA ASP E 13 -39.28 29.00 -1.37
C ASP E 13 -38.30 29.71 -0.45
N GLU E 14 -38.83 30.50 0.47
CA GLU E 14 -38.02 31.28 1.40
C GLU E 14 -37.17 30.39 2.31
N GLN E 15 -37.78 29.33 2.83
CA GLN E 15 -37.06 28.35 3.65
C GLN E 15 -35.94 27.67 2.90
N LYS E 16 -36.21 27.33 1.64
CA LYS E 16 -35.23 26.67 0.79
C LYS E 16 -34.09 27.63 0.42
N GLU E 17 -34.43 28.90 0.26
CA GLU E 17 -33.41 29.91 0.00
C GLU E 17 -32.46 30.02 1.20
N THR E 18 -33.05 30.04 2.40
CA THR E 18 -32.28 30.09 3.63
C THR E 18 -31.41 28.84 3.75
N LEU E 19 -31.97 27.68 3.45
CA LEU E 19 -31.22 26.42 3.47
C LEU E 19 -29.99 26.49 2.58
N ILE E 20 -30.18 26.97 1.36
CA ILE E 20 -29.09 27.08 0.40
C ILE E 20 -28.00 28.03 0.90
N ARG E 21 -28.40 29.18 1.44
CA ARG E 21 -27.42 30.16 1.90
C ARG E 21 -26.60 29.60 3.07
N GLU E 22 -27.30 29.05 4.06
CA GLU E 22 -26.66 28.60 5.30
C GLU E 22 -25.78 27.37 5.10
N VAL E 23 -26.23 26.42 4.28
CA VAL E 23 -25.44 25.25 3.97
C VAL E 23 -24.19 25.67 3.19
N SER E 24 -24.36 26.60 2.25
CA SER E 24 -23.22 27.06 1.43
C SER E 24 -22.16 27.74 2.28
N GLU E 25 -22.59 28.59 3.21
CA GLU E 25 -21.67 29.25 4.12
C GLU E 25 -20.99 28.23 5.03
N ALA E 26 -21.74 27.25 5.50
CA ALA E 26 -21.20 26.19 6.37
C ALA E 26 -20.11 25.41 5.67
N ILE E 27 -20.35 25.06 4.41
CA ILE E 27 -19.35 24.34 3.61
C ILE E 27 -18.12 25.21 3.41
N SER E 28 -18.36 26.48 3.06
CA SER E 28 -17.28 27.41 2.76
C SER E 28 -16.29 27.56 3.91
N ARG E 29 -16.81 27.82 5.10
CA ARG E 29 -15.96 28.05 6.27
C ARG E 29 -15.32 26.76 6.81
N SER E 30 -16.04 25.64 6.72
CA SER E 30 -15.51 24.36 7.21
C SER E 30 -14.32 23.88 6.39
N LEU E 31 -14.36 24.10 5.08
CA LEU E 31 -13.34 23.58 4.16
C LEU E 31 -12.43 24.70 3.69
N ASP E 32 -12.75 25.92 4.10
CA ASP E 32 -12.07 27.11 3.66
C ASP E 32 -12.02 27.17 2.13
N ALA E 33 -13.12 26.80 1.49
CA ALA E 33 -13.23 26.91 0.04
C ALA E 33 -13.94 28.21 -0.25
N PRO E 34 -13.57 28.90 -1.34
CA PRO E 34 -14.26 30.16 -1.65
C PRO E 34 -15.76 29.93 -1.80
N LEU E 35 -16.56 30.79 -1.18
CA LEU E 35 -18.01 30.64 -1.18
C LEU E 35 -18.55 30.56 -2.61
N THR E 36 -17.99 31.35 -3.52
CA THR E 36 -18.46 31.38 -4.90
C THR E 36 -18.26 30.05 -5.64
N SER E 37 -17.44 29.16 -5.09
CA SER E 37 -17.19 27.86 -5.70
C SER E 37 -18.22 26.82 -5.26
N VAL E 38 -19.02 27.14 -4.25
CA VAL E 38 -19.94 26.17 -3.66
C VAL E 38 -21.24 26.06 -4.45
N ARG E 39 -21.61 24.83 -4.80
CA ARG E 39 -22.85 24.56 -5.50
C ARG E 39 -23.74 23.71 -4.59
N VAL E 40 -25.02 24.07 -4.50
CA VAL E 40 -25.97 23.32 -3.68
C VAL E 40 -27.19 22.99 -4.53
N ILE E 41 -27.57 21.72 -4.50
CA ILE E 41 -28.76 21.23 -5.18
C ILE E 41 -29.76 20.77 -4.13
N ILE E 42 -30.97 21.31 -4.17
CA ILE E 42 -32.05 20.83 -3.31
C ILE E 42 -32.88 19.85 -4.12
N THR E 43 -33.05 18.65 -3.59
CA THR E 43 -33.89 17.65 -4.24
C THR E 43 -35.04 17.33 -3.31
N GLU E 44 -36.25 17.67 -3.73
CA GLU E 44 -37.43 17.43 -2.91
C GLU E 44 -37.97 16.01 -3.11
N MET E 45 -38.35 15.38 -2.00
CA MET E 45 -38.95 14.05 -2.01
C MET E 45 -40.42 14.11 -1.63
N ALA E 46 -41.27 13.49 -2.44
CA ALA E 46 -42.67 13.30 -2.08
C ALA E 46 -42.77 12.39 -0.87
N LYS E 47 -43.84 12.56 -0.09
CA LYS E 47 -44.01 11.83 1.17
C LYS E 47 -44.00 10.33 0.92
N GLY E 48 -44.57 9.92 -0.20
CA GLY E 48 -44.63 8.52 -0.58
C GLY E 48 -43.36 7.96 -1.21
N HIS E 49 -42.31 8.77 -1.29
CA HIS E 49 -41.07 8.36 -1.94
C HIS E 49 -39.90 8.21 -0.97
N PHE E 50 -40.17 8.37 0.32
CA PHE E 50 -39.11 8.29 1.31
C PHE E 50 -39.49 7.28 2.37
N GLY E 51 -38.61 6.31 2.56
CA GLY E 51 -38.83 5.23 3.50
C GLY E 51 -37.86 5.27 4.65
N ILE E 52 -38.38 5.02 5.85
CA ILE E 52 -37.57 4.81 7.03
C ILE E 52 -37.98 3.47 7.65
N GLY E 53 -37.02 2.55 7.75
CA GLY E 53 -37.30 1.25 8.32
C GLY E 53 -38.31 0.45 7.51
N GLY E 54 -38.39 0.75 6.22
CA GLY E 54 -39.29 0.03 5.34
C GLY E 54 -40.69 0.62 5.33
N GLU E 55 -40.88 1.68 6.08
CA GLU E 55 -42.19 2.33 6.20
C GLU E 55 -42.13 3.71 5.60
N LEU E 56 -43.25 4.13 5.00
CA LEU E 56 -43.37 5.42 4.37
C LEU E 56 -43.27 6.56 5.38
N ALA E 57 -42.75 7.70 4.94
CA ALA E 57 -42.66 8.85 5.80
C ALA E 57 -44.06 9.42 5.92
N SER E 58 -44.89 9.11 4.93
CA SER E 58 -46.32 9.38 4.99
C SER E 58 -46.95 8.88 6.29
N LYS E 59 -46.30 7.91 6.93
CA LYS E 59 -46.81 7.28 8.14
C LYS E 59 -45.67 6.63 8.94
O N80 F 1 -30.86 14.24 6.29
C N80 F 1 -31.49 14.61 5.29
CA N80 F 1 -32.78 15.39 5.48
CB N80 F 1 -32.47 16.84 5.83
CG N80 F 1 -33.56 17.25 6.75
CD N80 F 1 -34.00 16.01 7.51
N N80 F 1 -33.50 14.91 6.67
CAD N80 F 1 -34.42 13.88 6.33
CAA N80 F 1 -35.22 13.98 5.26
N ILE F 2 -31.14 14.38 4.02
CA ILE F 2 -29.93 13.65 3.66
C ILE F 2 -29.10 14.47 2.68
N ALA F 3 -27.88 14.80 3.10
CA ALA F 3 -26.96 15.58 2.30
C ALA F 3 -25.79 14.75 1.86
N GLN F 4 -25.44 14.86 0.59
CA GLN F 4 -24.22 14.28 0.07
C GLN F 4 -23.37 15.43 -0.41
N ILE F 5 -22.15 15.51 0.10
CA ILE F 5 -21.25 16.61 -0.23
C ILE F 5 -20.02 16.06 -0.93
N HIS F 6 -19.85 16.43 -2.20
CA HIS F 6 -18.65 16.09 -2.95
C HIS F 6 -17.59 17.15 -2.73
N ILE F 7 -16.44 16.71 -2.24
CA ILE F 7 -15.32 17.60 -1.97
C ILE F 7 -14.05 17.00 -2.51
N LEU F 8 -13.06 17.85 -2.78
CA LEU F 8 -11.77 17.37 -3.22
C LEU F 8 -11.05 16.72 -2.04
N GLU F 9 -10.32 15.64 -2.33
CA GLU F 9 -9.46 15.00 -1.35
C GLU F 9 -8.47 16.01 -0.77
N GLY F 10 -8.01 15.76 0.46
CA GLY F 10 -6.94 16.53 1.05
C GLY F 10 -7.24 17.12 2.43
N ARG F 11 -8.51 17.11 2.83
CA ARG F 11 -8.85 17.66 4.14
C ARG F 11 -8.55 16.65 5.25
N SER F 12 -8.27 17.18 6.44
CA SER F 12 -8.04 16.34 7.61
C SER F 12 -9.36 15.75 8.12
N ASP F 13 -9.25 14.71 8.93
CA ASP F 13 -10.43 14.14 9.59
C ASP F 13 -11.17 15.17 10.44
N GLU F 14 -10.43 16.00 11.18
CA GLU F 14 -11.07 17.01 12.02
C GLU F 14 -11.83 18.05 11.19
N GLN F 15 -11.25 18.46 10.07
CA GLN F 15 -11.93 19.38 9.15
C GLN F 15 -13.23 18.79 8.62
N LYS F 16 -13.19 17.50 8.30
CA LYS F 16 -14.38 16.82 7.80
C LYS F 16 -15.41 16.65 8.91
N GLU F 17 -14.93 16.47 10.14
CA GLU F 17 -15.82 16.41 11.30
C GLU F 17 -16.55 17.74 11.49
N THR F 18 -15.82 18.85 11.34
CA THR F 18 -16.39 20.18 11.44
C THR F 18 -17.44 20.40 10.35
N LEU F 19 -17.10 19.99 9.13
CA LEU F 19 -18.02 20.11 8.00
C LEU F 19 -19.35 19.45 8.31
N ILE F 20 -19.28 18.23 8.82
CA ILE F 20 -20.48 17.46 9.14
C ILE F 20 -21.30 18.17 10.21
N ARG F 21 -20.65 18.66 11.26
CA ARG F 21 -21.35 19.34 12.33
C ARG F 21 -22.03 20.62 11.85
N GLU F 22 -21.28 21.45 11.12
CA GLU F 22 -21.77 22.75 10.69
C GLU F 22 -22.88 22.62 9.65
N VAL F 23 -22.72 21.71 8.69
CA VAL F 23 -23.76 21.50 7.69
C VAL F 23 -25.02 20.95 8.33
N SER F 24 -24.86 20.02 9.26
CA SER F 24 -26.00 19.42 9.93
C SER F 24 -26.78 20.48 10.72
N GLU F 25 -26.05 21.37 11.39
CA GLU F 25 -26.68 22.45 12.16
C GLU F 25 -27.45 23.37 11.21
N ALA F 26 -26.84 23.68 10.06
CA ALA F 26 -27.46 24.57 9.08
C ALA F 26 -28.76 24.00 8.52
N ILE F 27 -28.75 22.71 8.20
CA ILE F 27 -29.94 22.04 7.67
C ILE F 27 -31.05 22.03 8.72
N SER F 28 -30.72 21.65 9.94
CA SER F 28 -31.69 21.59 11.04
C SER F 28 -32.32 22.96 11.28
N ARG F 29 -31.51 23.99 11.37
CA ARG F 29 -32.03 25.30 11.69
C ARG F 29 -32.84 25.89 10.56
N SER F 30 -32.41 25.71 9.33
CA SER F 30 -33.08 26.26 8.18
C SER F 30 -34.48 25.70 7.98
N LEU F 31 -34.63 24.41 8.22
CA LEU F 31 -35.87 23.70 7.93
C LEU F 31 -36.68 23.33 9.17
N ASP F 32 -36.16 23.66 10.36
CA ASP F 32 -36.76 23.22 11.61
C ASP F 32 -36.95 21.70 11.59
N ALA F 33 -35.95 21.01 11.09
CA ALA F 33 -35.94 19.55 11.05
C ALA F 33 -35.15 19.05 12.26
N PRO F 34 -35.56 17.91 12.83
CA PRO F 34 -34.80 17.41 13.98
C PRO F 34 -33.34 17.17 13.63
N LEU F 35 -32.44 17.68 14.45
CA LEU F 35 -31.02 17.54 14.17
C LEU F 35 -30.65 16.07 14.07
N THR F 36 -31.23 15.27 14.96
CA THR F 36 -30.92 13.85 15.03
C THR F 36 -31.32 13.08 13.78
N SER F 37 -32.18 13.67 12.96
CA SER F 37 -32.64 13.05 11.73
C SER F 37 -31.72 13.37 10.54
N VAL F 38 -30.83 14.33 10.72
CA VAL F 38 -30.00 14.81 9.62
C VAL F 38 -28.82 13.89 9.37
N ARG F 39 -28.69 13.47 8.13
CA ARG F 39 -27.59 12.61 7.71
C ARG F 39 -26.75 13.30 6.67
N VAL F 40 -25.43 13.20 6.82
CA VAL F 40 -24.49 13.81 5.90
C VAL F 40 -23.49 12.77 5.43
N ILE F 41 -23.33 12.72 4.11
CA ILE F 41 -22.36 11.85 3.46
C ILE F 41 -21.29 12.71 2.83
N ILE F 42 -20.04 12.46 3.20
CA ILE F 42 -18.91 13.11 2.54
C ILE F 42 -18.37 12.16 1.49
N THR F 43 -18.27 12.65 0.26
CA THR F 43 -17.72 11.88 -0.83
C THR F 43 -16.48 12.61 -1.36
N GLU F 44 -15.31 12.01 -1.21
CA GLU F 44 -14.07 12.63 -1.66
C GLU F 44 -13.78 12.35 -3.13
N MET F 45 -13.32 13.39 -3.84
CA MET F 45 -12.93 13.28 -5.24
C MET F 45 -11.44 13.44 -5.39
N ALA F 46 -10.80 12.50 -6.08
CA ALA F 46 -9.41 12.67 -6.48
C ALA F 46 -9.37 13.83 -7.47
N LYS F 47 -8.28 14.58 -7.50
CA LYS F 47 -8.19 15.76 -8.35
C LYS F 47 -8.36 15.39 -9.83
N GLY F 48 -7.90 14.19 -10.21
CA GLY F 48 -8.04 13.75 -11.59
C GLY F 48 -9.44 13.25 -11.93
N HIS F 49 -10.36 13.34 -10.97
CA HIS F 49 -11.73 12.87 -11.17
C HIS F 49 -12.77 13.99 -11.14
N PHE F 50 -12.32 15.23 -11.08
CA PHE F 50 -13.24 16.36 -11.00
C PHE F 50 -12.90 17.39 -12.07
N GLY F 51 -13.89 17.71 -12.89
CA GLY F 51 -13.70 18.64 -13.99
C GLY F 51 -14.51 19.91 -13.79
N ILE F 52 -13.85 21.03 -14.10
CA ILE F 52 -14.51 22.32 -14.21
C ILE F 52 -14.18 22.90 -15.58
N GLY F 53 -15.21 23.21 -16.35
CA GLY F 53 -15.00 23.75 -17.68
C GLY F 53 -14.29 22.79 -18.61
N GLY F 54 -14.41 21.50 -18.32
CA GLY F 54 -13.83 20.47 -19.17
C GLY F 54 -12.37 20.19 -18.85
N GLU F 55 -11.85 20.90 -17.86
CA GLU F 55 -10.45 20.75 -17.46
C GLU F 55 -10.38 20.22 -16.03
N LEU F 56 -9.33 19.48 -15.71
CA LEU F 56 -9.19 18.94 -14.37
C LEU F 56 -9.08 20.12 -13.42
N ALA F 57 -9.66 20.00 -12.23
CA ALA F 57 -9.61 21.07 -11.24
C ALA F 57 -8.30 21.06 -10.47
N PRO G 1 8.63 -6.43 17.38
CA PRO G 1 8.40 -7.05 16.06
C PRO G 1 7.33 -6.30 15.27
N ILE G 2 7.55 -6.17 13.97
CA ILE G 2 6.62 -5.48 13.07
C ILE G 2 6.30 -6.39 11.90
N ALA G 3 5.02 -6.74 11.76
CA ALA G 3 4.56 -7.59 10.67
C ALA G 3 3.67 -6.82 9.71
N GLN G 4 3.93 -6.99 8.42
CA GLN G 4 3.04 -6.47 7.38
C GLN G 4 2.47 -7.64 6.61
N ILE G 5 1.14 -7.70 6.55
CA ILE G 5 0.46 -8.81 5.90
C ILE G 5 -0.31 -8.31 4.70
N HIS G 6 0.10 -8.76 3.52
CA HIS G 6 -0.61 -8.48 2.28
C HIS G 6 -1.69 -9.53 2.06
N ILE G 7 -2.93 -9.08 1.96
CA ILE G 7 -4.07 -9.97 1.72
C ILE G 7 -4.95 -9.37 0.65
N LEU G 8 -5.74 -10.22 -0.01
CA LEU G 8 -6.69 -9.76 -1.00
C LEU G 8 -7.83 -9.04 -0.28
N GLU G 9 -8.29 -7.95 -0.85
CA GLU G 9 -9.47 -7.28 -0.34
C GLU G 9 -10.70 -8.21 -0.37
N GLY G 10 -11.67 -7.93 0.49
CA GLY G 10 -12.93 -8.66 0.50
C GLY G 10 -13.30 -9.17 1.87
N ARG G 11 -12.36 -9.15 2.81
CA ARG G 11 -12.62 -9.62 4.16
C ARG G 11 -13.37 -8.56 4.96
N SER G 12 -14.15 -9.00 5.93
CA SER G 12 -14.87 -8.08 6.81
C SER G 12 -13.92 -7.42 7.80
N ASP G 13 -14.36 -6.32 8.41
CA ASP G 13 -13.59 -5.67 9.46
C ASP G 13 -13.29 -6.62 10.62
N GLU G 14 -14.29 -7.41 11.02
CA GLU G 14 -14.12 -8.35 12.13
C GLU G 14 -13.07 -9.42 11.82
N GLN G 15 -13.09 -9.92 10.59
CA GLN G 15 -12.09 -10.90 10.14
C GLN G 15 -10.67 -10.33 10.21
N LYS G 16 -10.53 -9.08 9.81
CA LYS G 16 -9.22 -8.43 9.84
C LYS G 16 -8.78 -8.16 11.27
N GLU G 17 -9.73 -7.86 12.14
CA GLU G 17 -9.43 -7.67 13.57
C GLU G 17 -8.93 -8.98 14.17
N THR G 18 -9.59 -10.08 13.83
CA THR G 18 -9.17 -11.39 14.30
C THR G 18 -7.77 -11.72 13.78
N LEU G 19 -7.54 -11.44 12.50
CA LEU G 19 -6.24 -11.66 11.90
C LEU G 19 -5.14 -10.95 12.68
N ILE G 20 -5.38 -9.69 13.01
CA ILE G 20 -4.39 -8.90 13.74
C ILE G 20 -4.12 -9.50 15.11
N ARG G 21 -5.18 -9.86 15.82
CA ARG G 21 -5.04 -10.41 17.16
C ARG G 21 -4.31 -11.75 17.13
N GLU G 22 -4.73 -12.64 16.23
CA GLU G 22 -4.16 -13.99 16.19
C GLU G 22 -2.69 -13.97 15.76
N VAL G 23 -2.37 -13.14 14.78
CA VAL G 23 -0.98 -13.02 14.34
C VAL G 23 -0.10 -12.39 15.42
N SER G 24 -0.63 -11.38 16.11
CA SER G 24 0.13 -10.72 17.17
C SER G 24 0.47 -11.70 18.30
N GLU G 25 -0.51 -12.52 18.65
CA GLU G 25 -0.33 -13.54 19.67
C GLU G 25 0.70 -14.57 19.22
N ALA G 26 0.63 -14.97 17.97
CA ALA G 26 1.56 -15.96 17.41
C ALA G 26 3.00 -15.45 17.47
N ILE G 27 3.19 -14.20 17.10
CA ILE G 27 4.52 -13.58 17.14
C ILE G 27 5.00 -13.49 18.57
N SER G 28 4.13 -13.04 19.47
CA SER G 28 4.48 -12.90 20.88
C SER G 28 4.96 -14.22 21.49
N ARG G 29 4.19 -15.30 21.30
CA ARG G 29 4.55 -16.58 21.90
C ARG G 29 5.76 -17.23 21.21
N SER G 30 5.87 -17.07 19.89
CA SER G 30 6.99 -17.65 19.14
C SER G 30 8.32 -17.07 19.56
N LEU G 31 8.33 -15.78 19.87
CA LEU G 31 9.56 -15.05 20.17
C LEU G 31 9.72 -14.78 21.66
N ASP G 32 8.72 -15.20 22.44
CA ASP G 32 8.67 -14.89 23.87
C ASP G 32 8.88 -13.38 24.05
N ALA G 33 8.28 -12.61 23.12
CA ALA G 33 8.32 -11.16 23.17
C ALA G 33 7.02 -10.61 23.76
N PRO G 34 7.11 -9.50 24.50
CA PRO G 34 5.88 -8.91 25.05
C PRO G 34 4.87 -8.57 23.97
N LEU G 35 3.62 -8.96 24.20
CA LEU G 35 2.55 -8.74 23.23
C LEU G 35 2.44 -7.26 22.86
N THR G 36 2.60 -6.40 23.85
CA THR G 36 2.41 -4.97 23.66
C THR G 36 3.42 -4.36 22.68
N SER G 37 4.50 -5.08 22.39
CA SER G 37 5.51 -4.59 21.47
C SER G 37 5.21 -4.96 20.01
N VAL G 38 4.26 -5.87 19.80
CA VAL G 38 3.99 -6.38 18.46
C VAL G 38 3.09 -5.45 17.69
N ARG G 39 3.53 -5.08 16.50
CA ARG G 39 2.77 -4.25 15.59
C ARG G 39 2.46 -5.02 14.33
N VAL G 40 1.22 -4.88 13.85
CA VAL G 40 0.78 -5.56 12.65
C VAL G 40 0.13 -4.55 11.70
N ILE G 41 0.57 -4.57 10.45
CA ILE G 41 0.00 -3.75 9.40
C ILE G 41 -0.71 -4.66 8.41
N ILE G 42 -1.99 -4.40 8.19
CA ILE G 42 -2.72 -5.12 7.14
C ILE G 42 -2.73 -4.27 5.89
N THR G 43 -2.28 -4.85 4.78
CA THR G 43 -2.29 -4.18 3.48
C THR G 43 -3.17 -4.96 2.52
N GLU G 44 -4.28 -4.34 2.11
CA GLU G 44 -5.21 -4.99 1.19
C GLU G 44 -4.81 -4.78 -0.26
N MET G 45 -4.94 -5.85 -1.05
CA MET G 45 -4.67 -5.80 -2.48
C MET G 45 -5.95 -6.02 -3.28
N ALA G 46 -6.23 -5.15 -4.24
CA ALA G 46 -7.29 -5.43 -5.20
C ALA G 46 -6.86 -6.63 -6.05
N LYS G 47 -7.85 -7.38 -6.51
CA LYS G 47 -7.63 -8.60 -7.28
C LYS G 47 -6.83 -8.29 -8.54
N GLY G 48 -7.05 -7.11 -9.10
CA GLY G 48 -6.34 -6.68 -10.29
C GLY G 48 -4.93 -6.18 -10.04
N HIS G 49 -4.49 -6.24 -8.78
CA HIS G 49 -3.15 -5.78 -8.41
C HIS G 49 -2.24 -6.88 -7.87
N PHE G 50 -2.69 -8.13 -7.97
CA PHE G 50 -1.91 -9.25 -7.46
C PHE G 50 -1.74 -10.27 -8.57
N GLY G 51 -0.49 -10.60 -8.86
CA GLY G 51 -0.18 -11.50 -9.95
C GLY G 51 0.31 -12.82 -9.39
N ILE G 52 -0.18 -13.90 -9.99
CA ILE G 52 0.31 -15.23 -9.65
C ILE G 52 0.71 -15.92 -10.96
N GLY G 53 1.98 -16.30 -11.08
CA GLY G 53 2.44 -16.93 -12.30
C GLY G 53 2.29 -16.02 -13.51
N GLY G 54 2.26 -14.71 -13.27
CA GLY G 54 2.13 -13.75 -14.34
C GLY G 54 0.69 -13.44 -14.71
N GLU G 55 -0.27 -14.03 -14.00
CA GLU G 55 -1.69 -13.83 -14.31
C GLU G 55 -2.39 -13.09 -13.18
N LEU G 56 -3.36 -12.25 -13.55
CA LEU G 56 -4.13 -11.49 -12.57
C LEU G 56 -5.02 -12.38 -11.72
N ALA G 57 -5.22 -11.99 -10.47
CA ALA G 57 -6.06 -12.74 -9.55
C ALA G 57 -7.52 -12.45 -9.86
N SER G 58 -7.79 -11.22 -10.32
CA SER G 58 -9.10 -10.87 -10.86
C SER G 58 -9.62 -11.81 -11.96
N LYS G 59 -8.75 -12.65 -12.52
CA LYS G 59 -9.12 -13.52 -13.63
C LYS G 59 -9.06 -15.00 -13.28
N VAL G 60 -8.01 -15.39 -12.55
CA VAL G 60 -7.81 -16.81 -12.23
C VAL G 60 -8.39 -17.12 -10.86
N ARG G 61 -8.75 -16.07 -10.10
CA ARG G 61 -9.42 -16.23 -8.81
C ARG G 61 -10.64 -15.31 -8.76
N PRO H 1 9.96 -16.11 -5.87
CA PRO H 1 10.30 -14.71 -5.85
C PRO H 1 9.06 -13.87 -5.69
N ILE H 2 9.16 -12.83 -4.91
CA ILE H 2 8.04 -11.93 -4.63
C ILE H 2 8.43 -10.49 -4.95
N ALA H 3 7.70 -9.88 -5.88
CA ALA H 3 7.98 -8.51 -6.27
C ALA H 3 6.85 -7.59 -5.84
N GLN H 4 7.21 -6.45 -5.25
CA GLN H 4 6.26 -5.39 -4.97
C GLN H 4 6.67 -4.16 -5.77
N ILE H 5 5.75 -3.67 -6.59
CA ILE H 5 6.04 -2.55 -7.46
C ILE H 5 5.17 -1.37 -7.08
N HIS H 6 5.81 -0.31 -6.60
CA HIS H 6 5.12 0.94 -6.33
C HIS H 6 5.07 1.76 -7.60
N ILE H 7 3.84 2.14 -7.98
CA ILE H 7 3.64 2.96 -9.16
C ILE H 7 2.65 4.06 -8.84
N LEU H 8 2.72 5.15 -9.58
CA LEU H 8 1.77 6.22 -9.44
C LEU H 8 0.43 5.76 -10.02
N GLU H 9 -0.64 6.17 -9.37
CA GLU H 9 -1.99 5.96 -9.88
C GLU H 9 -2.11 6.56 -11.27
N GLY H 10 -3.00 6.00 -12.09
CA GLY H 10 -3.30 6.56 -13.40
C GLY H 10 -3.18 5.57 -14.54
N ARG H 11 -2.56 4.42 -14.29
CA ARG H 11 -2.42 3.42 -15.35
C ARG H 11 -3.70 2.62 -15.51
N SER H 12 -3.94 2.15 -16.72
CA SER H 12 -5.12 1.32 -17.01
C SER H 12 -4.94 -0.10 -16.48
N ASP H 13 -6.05 -0.82 -16.34
CA ASP H 13 -6.01 -2.24 -16.01
C ASP H 13 -5.18 -3.00 -17.05
N GLU H 14 -5.32 -2.61 -18.32
CA GLU H 14 -4.58 -3.27 -19.40
C GLU H 14 -3.08 -3.16 -19.18
N GLN H 15 -2.62 -1.95 -18.83
CA GLN H 15 -1.22 -1.70 -18.55
C GLN H 15 -0.70 -2.49 -17.34
N LYS H 16 -1.51 -2.53 -16.29
CA LYS H 16 -1.14 -3.24 -15.08
C LYS H 16 -1.12 -4.75 -15.31
N GLU H 17 -2.00 -5.23 -16.18
CA GLU H 17 -1.99 -6.64 -16.56
C GLU H 17 -0.69 -6.99 -17.25
N THR H 18 -0.29 -6.13 -18.17
CA THR H 18 0.94 -6.29 -18.93
C THR H 18 2.15 -6.24 -18.00
N LEU H 19 2.12 -5.28 -17.07
CA LEU H 19 3.19 -5.12 -16.10
C LEU H 19 3.44 -6.40 -15.30
N ILE H 20 2.37 -6.99 -14.78
CA ILE H 20 2.50 -8.21 -13.98
C ILE H 20 3.05 -9.35 -14.81
N ARG H 21 2.53 -9.54 -16.01
CA ARG H 21 3.00 -10.63 -16.85
C ARG H 21 4.46 -10.44 -17.26
N GLU H 22 4.81 -9.26 -17.74
CA GLU H 22 6.16 -9.04 -18.26
C GLU H 22 7.23 -9.04 -17.16
N VAL H 23 6.92 -8.42 -16.02
CA VAL H 23 7.85 -8.42 -14.89
C VAL H 23 8.05 -9.83 -14.37
N SER H 24 6.98 -10.61 -14.29
CA SER H 24 7.06 -11.97 -13.78
C SER H 24 7.97 -12.80 -14.69
N GLU H 25 7.83 -12.60 -15.99
CA GLU H 25 8.68 -13.29 -16.96
C GLU H 25 10.14 -12.84 -16.82
N ALA H 26 10.36 -11.55 -16.59
CA ALA H 26 11.71 -11.02 -16.42
C ALA H 26 12.38 -11.68 -15.21
N ILE H 27 11.64 -11.80 -14.12
CA ILE H 27 12.12 -12.43 -12.90
C ILE H 27 12.43 -13.91 -13.12
N SER H 28 11.49 -14.60 -13.75
CA SER H 28 11.62 -16.04 -13.96
C SER H 28 12.89 -16.42 -14.71
N ARG H 29 13.14 -15.77 -15.84
CA ARG H 29 14.30 -16.13 -16.64
C ARG H 29 15.61 -15.64 -16.03
N SER H 30 15.59 -14.46 -15.41
CA SER H 30 16.78 -13.87 -14.81
C SER H 30 17.28 -14.79 -13.71
N LEU H 31 16.34 -15.42 -13.02
CA LEU H 31 16.67 -16.27 -11.88
C LEU H 31 16.57 -17.74 -12.26
N ASP H 32 16.15 -18.02 -13.48
CA ASP H 32 15.88 -19.40 -13.89
C ASP H 32 14.96 -20.04 -12.86
N ALA H 33 14.01 -19.26 -12.35
CA ALA H 33 13.03 -19.72 -11.39
C ALA H 33 11.71 -20.02 -12.12
N PRO H 34 10.98 -21.06 -11.68
CA PRO H 34 9.69 -21.37 -12.32
C PRO H 34 8.72 -20.19 -12.27
N LEU H 35 8.12 -19.89 -13.41
CA LEU H 35 7.20 -18.76 -13.53
C LEU H 35 6.02 -18.87 -12.56
N THR H 36 5.52 -20.08 -12.38
CA THR H 36 4.34 -20.30 -11.52
C THR H 36 4.59 -19.97 -10.06
N SER H 37 5.85 -19.85 -9.68
CA SER H 37 6.23 -19.53 -8.30
C SER H 37 6.30 -18.03 -8.07
N VAL H 38 6.26 -17.25 -9.16
CA VAL H 38 6.47 -15.81 -9.07
C VAL H 38 5.20 -15.08 -8.67
N ARG H 39 5.34 -14.23 -7.64
CA ARG H 39 4.23 -13.40 -7.19
C ARG H 39 4.58 -11.93 -7.38
N VAL H 40 3.60 -11.15 -7.84
CA VAL H 40 3.80 -9.72 -8.04
C VAL H 40 2.68 -8.95 -7.38
N ILE H 41 3.06 -7.94 -6.60
CA ILE H 41 2.11 -7.04 -5.94
C ILE H 41 2.26 -5.65 -6.56
N ILE H 42 1.16 -5.10 -7.06
CA ILE H 42 1.15 -3.71 -7.51
C ILE H 42 0.58 -2.83 -6.40
N THR H 43 1.35 -1.82 -6.01
CA THR H 43 0.90 -0.87 -5.01
C THR H 43 0.82 0.51 -5.64
N GLU H 44 -0.40 1.03 -5.75
CA GLU H 44 -0.61 2.34 -6.34
C GLU H 44 -0.44 3.46 -5.32
N MET H 45 0.24 4.52 -5.76
CA MET H 45 0.45 5.71 -4.94
C MET H 45 -0.29 6.90 -5.53
N ALA H 46 -1.06 7.61 -4.70
CA ALA H 46 -1.59 8.89 -5.13
C ALA H 46 -0.42 9.84 -5.30
N LYS H 47 -0.54 10.78 -6.23
CA LYS H 47 0.55 11.69 -6.55
C LYS H 47 0.94 12.51 -5.32
N GLY H 48 -0.04 12.80 -4.47
CA GLY H 48 0.21 13.58 -3.27
C GLY H 48 0.88 12.78 -2.15
N HIS H 49 1.19 11.52 -2.43
CA HIS H 49 1.83 10.63 -1.46
C HIS H 49 3.24 10.22 -1.86
N PHE H 50 3.74 10.81 -2.94
CA PHE H 50 5.05 10.43 -3.45
C PHE H 50 5.93 11.67 -3.56
N GLY H 51 7.09 11.60 -2.94
CA GLY H 51 7.99 12.74 -2.93
C GLY H 51 9.20 12.46 -3.79
N ILE H 52 9.54 13.47 -4.58
CA ILE H 52 10.75 13.49 -5.38
C ILE H 52 11.54 14.74 -5.04
N GLY H 53 12.76 14.58 -4.55
CA GLY H 53 13.56 15.74 -4.19
C GLY H 53 12.87 16.57 -3.12
N GLY H 54 11.99 15.93 -2.34
CA GLY H 54 11.30 16.62 -1.26
C GLY H 54 10.03 17.32 -1.70
N GLU H 55 9.67 17.22 -2.98
CA GLU H 55 8.48 17.89 -3.49
C GLU H 55 7.44 16.86 -3.91
N LEU H 56 6.16 17.21 -3.75
CA LEU H 56 5.07 16.30 -4.09
C LEU H 56 5.03 16.04 -5.59
N ALA H 57 4.63 14.83 -5.98
CA ALA H 57 4.57 14.48 -7.39
C ALA H 57 3.34 15.14 -7.98
N SER H 58 2.29 15.26 -7.17
CA SER H 58 1.10 16.06 -7.52
C SER H 58 1.43 17.48 -7.99
N LYS H 59 2.66 17.94 -7.78
CA LYS H 59 3.04 19.30 -8.10
C LYS H 59 4.11 19.41 -9.20
N VAL H 60 5.11 18.55 -9.13
CA VAL H 60 6.24 18.62 -10.05
C VAL H 60 6.04 17.68 -11.24
N ARG H 61 5.04 16.80 -11.12
CA ARG H 61 4.62 15.94 -12.22
C ARG H 61 3.10 16.04 -12.33
N ARG H 62 2.61 17.27 -12.18
CA ARG H 62 1.18 17.56 -12.12
C ARG H 62 0.43 17.06 -13.35
O N80 I 1 15.62 7.74 -1.36
C N80 I 1 16.21 6.79 -0.83
CA N80 I 1 17.72 6.87 -0.67
CB N80 I 1 18.08 7.94 0.35
CG N80 I 1 19.33 8.58 -0.15
CD N80 I 1 19.44 8.31 -1.63
N N80 I 1 18.34 7.38 -1.90
CAD N80 I 1 18.68 6.37 -2.83
CAA N80 I 1 19.53 5.40 -2.50
N ILE I 2 15.60 5.71 -0.37
CA ILE I 2 14.15 5.53 -0.52
C ILE I 2 13.50 5.24 0.82
N ALA I 3 12.59 6.12 1.23
CA ALA I 3 11.88 5.97 2.50
C ALA I 3 10.41 5.69 2.26
N GLN I 4 9.87 4.73 2.99
CA GLN I 4 8.43 4.48 3.02
C GLN I 4 7.93 4.69 4.43
N ILE I 5 6.94 5.55 4.58
CA ILE I 5 6.41 5.91 5.90
C ILE I 5 4.96 5.50 6.03
N HIS I 6 4.70 4.55 6.94
CA HIS I 6 3.34 4.14 7.26
C HIS I 6 2.79 5.04 8.36
N ILE I 7 1.66 5.68 8.06
CA ILE I 7 0.97 6.53 9.01
C ILE I 7 -0.51 6.23 8.95
N LEU I 8 -1.22 6.54 10.02
CA LEU I 8 -2.66 6.39 10.02
C LEU I 8 -3.31 7.44 9.15
N GLU I 9 -4.38 7.02 8.47
CA GLU I 9 -5.21 7.93 7.69
C GLU I 9 -5.73 9.07 8.56
N GLY I 10 -6.03 10.21 7.93
CA GLY I 10 -6.69 11.31 8.62
C GLY I 10 -5.99 12.65 8.50
N ARG I 11 -4.75 12.64 8.03
CA ARG I 11 -3.98 13.87 7.88
C ARG I 11 -4.33 14.64 6.63
N SER I 12 -4.15 15.95 6.69
CA SER I 12 -4.38 16.82 5.55
C SER I 12 -3.26 16.69 4.53
N ASP I 13 -3.54 17.12 3.30
CA ASP I 13 -2.53 17.19 2.25
C ASP I 13 -1.37 18.09 2.69
N GLU I 14 -1.69 19.18 3.38
CA GLU I 14 -0.66 20.11 3.82
C GLU I 14 0.33 19.46 4.78
N GLN I 15 -0.17 18.70 5.76
CA GLN I 15 0.71 17.98 6.69
C GLN I 15 1.58 16.93 5.98
N LYS I 16 0.99 16.23 5.02
CA LYS I 16 1.73 15.21 4.29
C LYS I 16 2.79 15.85 3.39
N GLU I 17 2.50 17.04 2.87
CA GLU I 17 3.49 17.79 2.11
C GLU I 17 4.69 18.14 2.97
N THR I 18 4.41 18.62 4.18
CA THR I 18 5.45 18.97 5.12
C THR I 18 6.27 17.75 5.50
N LEU I 19 5.58 16.65 5.79
CA LEU I 19 6.23 15.40 6.14
C LEU I 19 7.24 14.96 5.08
N ILE I 20 6.83 14.96 3.82
CA ILE I 20 7.71 14.55 2.73
C ILE I 20 8.92 15.47 2.59
N ARG I 21 8.69 16.77 2.62
CA ARG I 21 9.80 17.71 2.44
C ARG I 21 10.83 17.56 3.54
N GLU I 22 10.37 17.55 4.79
CA GLU I 22 11.26 17.53 5.93
C GLU I 22 12.01 16.22 6.09
N VAL I 23 11.33 15.10 5.86
CA VAL I 23 11.97 13.80 5.93
C VAL I 23 13.02 13.73 4.84
N SER I 24 12.70 14.25 3.66
CA SER I 24 13.63 14.25 2.54
C SER I 24 14.89 15.07 2.87
N GLU I 25 14.68 16.24 3.48
CA GLU I 25 15.78 17.09 3.92
C GLU I 25 16.61 16.40 5.00
N ALA I 26 15.94 15.74 5.94
CA ALA I 26 16.62 15.02 7.01
C ALA I 26 17.49 13.91 6.44
N ILE I 27 16.96 13.17 5.47
CA ILE I 27 17.71 12.10 4.83
C ILE I 27 18.91 12.67 4.07
N SER I 28 18.65 13.73 3.32
CA SER I 28 19.68 14.35 2.50
C SER I 28 20.91 14.77 3.28
N ARG I 29 20.68 15.41 4.39
CA ARG I 29 21.76 15.95 5.12
C ARG I 29 22.47 14.87 5.89
N SER I 30 21.70 13.99 6.48
CA SER I 30 22.20 12.91 7.33
C SER I 30 23.16 12.04 6.54
N LEU I 31 22.86 11.87 5.25
CA LEU I 31 23.63 11.00 4.40
C LEU I 31 24.51 11.88 3.49
N ASP I 32 24.32 13.19 3.59
CA ASP I 32 24.97 14.15 2.71
C ASP I 32 24.75 13.70 1.27
N ALA I 33 23.55 13.21 1.00
CA ALA I 33 23.16 12.77 -0.33
C ALA I 33 22.37 13.87 -1.03
N PRO I 34 22.51 13.97 -2.37
CA PRO I 34 21.73 15.00 -3.08
C PRO I 34 20.24 14.85 -2.83
N LEU I 35 19.58 15.96 -2.50
CA LEU I 35 18.17 15.95 -2.21
C LEU I 35 17.39 15.36 -3.38
N THR I 36 17.82 15.68 -4.59
CA THR I 36 17.12 15.25 -5.80
C THR I 36 17.06 13.73 -5.98
N SER I 37 17.93 13.01 -5.27
CA SER I 37 17.96 11.55 -5.37
C SER I 37 17.00 10.90 -4.38
N VAL I 38 16.47 11.68 -3.45
CA VAL I 38 15.65 11.16 -2.37
C VAL I 38 14.20 10.95 -2.78
N ARG I 39 13.69 9.74 -2.53
CA ARG I 39 12.30 9.41 -2.80
C ARG I 39 11.59 9.05 -1.50
N VAL I 40 10.37 9.56 -1.33
CA VAL I 40 9.57 9.25 -0.14
C VAL I 40 8.18 8.78 -0.55
N ILE I 41 7.77 7.66 0.04
CA ILE I 41 6.44 7.11 -0.14
C ILE I 41 5.67 7.22 1.17
N ILE I 42 4.52 7.87 1.13
CA ILE I 42 3.61 7.86 2.27
C ILE I 42 2.59 6.78 2.02
N THR I 43 2.45 5.88 2.99
CA THR I 43 1.46 4.83 2.93
C THR I 43 0.50 5.02 4.08
N GLU I 44 -0.74 5.32 3.76
CA GLU I 44 -1.76 5.53 4.79
C GLU I 44 -2.36 4.19 5.18
N MET I 45 -2.60 4.02 6.48
CA MET I 45 -3.23 2.82 7.00
C MET I 45 -4.63 3.16 7.45
N ALA I 46 -5.60 2.38 6.99
CA ALA I 46 -6.96 2.49 7.50
C ALA I 46 -6.95 2.13 8.97
N LYS I 47 -7.88 2.72 9.71
CA LYS I 47 -7.93 2.61 11.15
C LYS I 47 -8.09 1.16 11.61
N GLY I 48 -8.80 0.36 10.83
CA GLY I 48 -8.97 -1.06 11.11
C GLY I 48 -7.84 -1.97 10.64
N HIS I 49 -6.76 -1.39 10.12
CA HIS I 49 -5.66 -2.18 9.55
C HIS I 49 -4.33 -2.10 10.29
N PHE I 50 -4.30 -1.43 11.43
CA PHE I 50 -3.06 -1.28 12.18
C PHE I 50 -3.26 -1.70 13.63
N GLY I 51 -2.46 -2.67 14.05
CA GLY I 51 -2.55 -3.22 15.38
C GLY I 51 -1.31 -2.96 16.20
N ILE I 52 -1.54 -2.61 17.46
CA ILE I 52 -0.47 -2.55 18.45
C ILE I 52 -0.93 -3.40 19.63
N GLY I 53 -0.13 -4.39 19.99
CA GLY I 53 -0.47 -5.31 21.06
C GLY I 53 -1.68 -6.16 20.75
N GLY I 54 -1.96 -6.37 19.46
CA GLY I 54 -3.05 -7.21 19.04
C GLY I 54 -4.37 -6.47 19.00
N GLU I 55 -4.32 -5.19 19.34
CA GLU I 55 -5.50 -4.34 19.40
C GLU I 55 -5.36 -3.21 18.37
N LEU I 56 -6.50 -2.76 17.86
CA LEU I 56 -6.48 -1.69 16.87
C LEU I 56 -5.89 -0.44 17.48
N ALA I 57 -4.83 0.08 16.86
CA ALA I 57 -4.25 1.32 17.33
C ALA I 57 -5.18 2.37 16.79
O N80 J 1 0.68 -15.17 2.02
C N80 J 1 0.05 -14.10 2.06
CA N80 J 1 -1.46 -14.11 1.98
CB N80 J 1 -2.07 -14.44 3.34
CG N80 J 1 -3.34 -15.17 3.01
CD N80 J 1 -3.10 -15.90 1.71
N N80 J 1 -1.92 -15.22 1.14
CAD N80 J 1 -2.09 -14.85 -0.21
CAA N80 J 1 -2.70 -13.70 -0.53
N ILE J 2 0.64 -12.91 2.16
CA ILE J 2 2.09 -12.76 2.25
C ILE J 2 2.43 -11.87 3.43
N ALA J 3 3.15 -12.43 4.40
CA ALA J 3 3.53 -11.67 5.59
C ALA J 3 5.03 -11.46 5.59
N GLN J 4 5.42 -10.22 5.89
CA GLN J 4 6.82 -9.91 6.14
C GLN J 4 6.93 -9.46 7.58
N ILE J 5 7.84 -10.10 8.32
CA ILE J 5 8.00 -9.82 9.73
C ILE J 5 9.41 -9.29 9.98
N HIS J 6 9.49 -8.05 10.44
CA HIS J 6 10.76 -7.45 10.84
C HIS J 6 11.01 -7.77 12.31
N ILE J 7 12.16 -8.40 12.58
CA ILE J 7 12.54 -8.73 13.95
C ILE J 7 14.00 -8.38 14.17
N LEU J 8 14.38 -8.20 15.43
CA LEU J 8 15.78 -7.94 15.74
C LEU J 8 16.59 -9.22 15.53
N GLU J 9 17.80 -9.07 15.00
CA GLU J 9 18.72 -10.20 14.88
C GLU J 9 18.97 -10.84 16.24
N GLY J 10 19.36 -12.11 16.23
CA GLY J 10 19.79 -12.80 17.44
C GLY J 10 19.08 -14.10 17.74
N ARG J 11 17.98 -14.37 17.04
CA ARG J 11 17.20 -15.58 17.26
C ARG J 11 17.86 -16.76 16.59
N SER J 12 17.62 -17.96 17.12
CA SER J 12 18.10 -19.19 16.51
C SER J 12 17.28 -19.52 15.27
N ASP J 13 17.82 -20.39 14.42
CA ASP J 13 17.10 -20.91 13.27
C ASP J 13 15.81 -21.58 13.72
N GLU J 14 15.91 -22.32 14.82
CA GLU J 14 14.77 -23.06 15.35
C GLU J 14 13.63 -22.13 15.79
N GLN J 15 13.96 -21.06 16.50
CA GLN J 15 12.95 -20.10 16.93
C GLN J 15 12.30 -19.41 15.73
N LYS J 16 13.08 -19.10 14.72
CA LYS J 16 12.54 -18.45 13.53
C LYS J 16 11.66 -19.41 12.74
N GLU J 17 12.01 -20.70 12.76
CA GLU J 17 11.18 -21.71 12.12
C GLU J 17 9.82 -21.78 12.83
N THR J 18 9.85 -21.72 14.16
CA THR J 18 8.62 -21.72 14.95
C THR J 18 7.77 -20.50 14.62
N LEU J 19 8.42 -19.35 14.52
CA LEU J 19 7.74 -18.11 14.15
C LEU J 19 7.00 -18.26 12.82
N ILE J 20 7.69 -18.81 11.83
CA ILE J 20 7.10 -18.98 10.51
C ILE J 20 5.89 -19.91 10.59
N ARG J 21 6.04 -21.02 11.30
CA ARG J 21 4.95 -21.99 11.42
C ARG J 21 3.75 -21.41 12.13
N GLU J 22 3.97 -20.78 13.28
CA GLU J 22 2.88 -20.30 14.10
C GLU J 22 2.15 -19.13 13.44
N VAL J 23 2.89 -18.23 12.83
CA VAL J 23 2.29 -17.10 12.13
C VAL J 23 1.49 -17.59 10.94
N SER J 24 2.02 -18.57 10.22
CA SER J 24 1.33 -19.10 9.06
C SER J 24 0.01 -19.75 9.47
N GLU J 25 0.01 -20.49 10.57
CA GLU J 25 -1.23 -21.12 11.02
C GLU J 25 -2.23 -20.06 11.46
N ALA J 26 -1.76 -19.02 12.14
CA ALA J 26 -2.64 -17.95 12.60
C ALA J 26 -3.32 -17.26 11.43
N ILE J 27 -2.57 -17.00 10.37
CA ILE J 27 -3.12 -16.38 9.18
C ILE J 27 -4.14 -17.32 8.55
N SER J 28 -3.77 -18.60 8.45
CA SER J 28 -4.64 -19.60 7.85
C SER J 28 -5.99 -19.69 8.55
N ARG J 29 -5.98 -19.80 9.87
CA ARG J 29 -7.23 -19.97 10.62
C ARG J 29 -8.05 -18.67 10.64
N SER J 30 -7.37 -17.54 10.71
CA SER J 30 -8.04 -16.24 10.77
C SER J 30 -8.83 -15.96 9.50
N LEU J 31 -8.27 -16.36 8.38
CA LEU J 31 -8.84 -16.06 7.07
C LEU J 31 -9.50 -17.26 6.39
N ASP J 32 -9.43 -18.42 7.02
CA ASP J 32 -9.86 -19.67 6.39
C ASP J 32 -9.21 -19.82 5.02
N ALA J 33 -7.93 -19.46 4.95
CA ALA J 33 -7.16 -19.62 3.73
C ALA J 33 -6.36 -20.91 3.85
N PRO J 34 -6.20 -21.65 2.73
CA PRO J 34 -5.40 -22.87 2.79
C PRO J 34 -3.99 -22.58 3.27
N LEU J 35 -3.49 -23.39 4.21
CA LEU J 35 -2.18 -23.15 4.80
C LEU J 35 -1.13 -23.03 3.70
N THR J 36 -1.23 -23.88 2.68
CA THR J 36 -0.24 -23.92 1.61
C THR J 36 -0.16 -22.63 0.79
N SER J 37 -1.17 -21.77 0.94
CA SER J 37 -1.17 -20.49 0.21
C SER J 37 -0.43 -19.39 0.96
N VAL J 38 -0.13 -19.64 2.24
CA VAL J 38 0.47 -18.62 3.10
C VAL J 38 1.99 -18.57 2.96
N ARG J 39 2.51 -17.38 2.70
CA ARG J 39 3.95 -17.17 2.63
C ARG J 39 4.41 -16.18 3.70
N VAL J 40 5.55 -16.49 4.32
CA VAL J 40 6.09 -15.65 5.37
C VAL J 40 7.55 -15.35 5.07
N ILE J 41 7.89 -14.06 5.16
CA ILE J 41 9.26 -13.59 5.00
C ILE J 41 9.73 -13.04 6.32
N ILE J 42 10.86 -13.55 6.81
CA ILE J 42 11.49 -12.98 7.99
C ILE J 42 12.62 -12.05 7.57
N THR J 43 12.56 -10.81 8.04
CA THR J 43 13.60 -9.83 7.76
C THR J 43 14.24 -9.42 9.07
N GLU J 44 15.51 -9.77 9.22
CA GLU J 44 16.22 -9.45 10.45
C GLU J 44 16.81 -8.05 10.41
N MET J 45 16.72 -7.35 11.55
CA MET J 45 17.28 -6.01 11.69
C MET J 45 18.50 -6.05 12.62
N ALA J 46 19.60 -5.48 12.14
CA ALA J 46 20.79 -5.27 12.96
C ALA J 46 20.49 -4.31 14.10
N LYS J 47 21.27 -4.42 15.17
CA LYS J 47 21.07 -3.65 16.40
C LYS J 47 21.05 -2.15 16.16
N GLY J 48 21.94 -1.70 15.28
CA GLY J 48 22.05 -0.30 14.93
C GLY J 48 21.09 0.20 13.88
N HIS J 49 20.17 -0.64 13.43
CA HIS J 49 19.28 -0.28 12.32
C HIS J 49 17.82 -0.10 12.71
N PHE J 50 17.51 -0.14 13.99
CA PHE J 50 16.14 -0.01 14.45
C PHE J 50 16.05 1.09 15.50
N GLY J 51 15.20 2.07 15.23
CA GLY J 51 15.05 3.23 16.10
C GLY J 51 13.69 3.37 16.73
N ILE J 52 13.68 3.75 18.00
CA ILE J 52 12.47 4.17 18.70
C ILE J 52 12.72 5.54 19.32
N GLY J 53 11.88 6.50 18.96
CA GLY J 53 12.02 7.85 19.48
C GLY J 53 13.31 8.55 19.06
N GLY J 54 13.88 8.12 17.93
CA GLY J 54 15.08 8.74 17.42
C GLY J 54 16.35 8.13 18.00
N GLU J 55 16.18 7.16 18.89
CA GLU J 55 17.29 6.48 19.54
C GLU J 55 17.32 4.98 19.22
N LEU J 56 18.52 4.43 19.20
CA LEU J 56 18.73 3.01 18.93
C LEU J 56 18.06 2.17 20.02
N ALA J 57 17.56 1.01 19.63
CA ALA J 57 16.91 0.10 20.56
C ALA J 57 16.98 -1.34 20.05
N PRO K 1 8.65 4.35 -11.22
CA PRO K 1 8.30 3.12 -10.51
C PRO K 1 9.43 2.60 -9.63
N ILE K 2 9.05 2.04 -8.48
CA ILE K 2 10.01 1.47 -7.54
C ILE K 2 9.61 0.02 -7.28
N ALA K 3 10.48 -0.91 -7.66
CA ALA K 3 10.21 -2.32 -7.46
C ALA K 3 11.15 -2.88 -6.41
N GLN K 4 10.60 -3.64 -5.47
CA GLN K 4 11.39 -4.40 -4.52
C GLN K 4 11.13 -5.87 -4.78
N ILE K 5 12.19 -6.63 -5.00
CA ILE K 5 12.09 -8.05 -5.35
C ILE K 5 12.76 -8.88 -4.27
N HIS K 6 11.96 -9.70 -3.59
CA HIS K 6 12.47 -10.63 -2.60
C HIS K 6 12.83 -11.94 -3.29
N ILE K 7 14.08 -12.36 -3.15
CA ILE K 7 14.55 -13.61 -3.77
C ILE K 7 15.37 -14.40 -2.76
N LEU K 8 15.46 -15.71 -2.96
CA LEU K 8 16.30 -16.52 -2.09
C LEU K 8 17.77 -16.23 -2.43
N GLU K 9 18.60 -16.19 -1.39
CA GLU K 9 20.04 -16.05 -1.57
C GLU K 9 20.59 -17.17 -2.44
N GLY K 10 21.73 -16.92 -3.09
CA GLY K 10 22.44 -17.95 -3.82
C GLY K 10 22.76 -17.59 -5.26
N ARG K 11 22.15 -16.52 -5.77
CA ARG K 11 22.39 -16.12 -7.15
C ARG K 11 23.70 -15.34 -7.27
N SER K 12 24.33 -15.42 -8.44
CA SER K 12 25.54 -14.66 -8.72
C SER K 12 25.22 -13.18 -8.93
N ASP K 13 26.26 -12.36 -8.84
CA ASP K 13 26.13 -10.93 -9.11
C ASP K 13 25.60 -10.68 -10.53
N GLU K 14 26.09 -11.45 -11.49
CA GLU K 14 25.66 -11.29 -12.88
C GLU K 14 24.17 -11.57 -13.03
N GLN K 15 23.70 -12.64 -12.40
CA GLN K 15 22.29 -12.99 -12.45
C GLN K 15 21.42 -11.87 -11.88
N LYS K 16 21.87 -11.31 -10.76
CA LYS K 16 21.14 -10.23 -10.10
C LYS K 16 21.25 -8.93 -10.89
N GLU K 17 22.40 -8.70 -11.52
CA GLU K 17 22.58 -7.53 -12.37
C GLU K 17 21.61 -7.61 -13.54
N THR K 18 21.49 -8.81 -14.09
CA THR K 18 20.57 -9.09 -15.18
C THR K 18 19.13 -8.85 -14.73
N LEU K 19 18.80 -9.34 -13.54
CA LEU K 19 17.46 -9.17 -12.97
C LEU K 19 17.09 -7.69 -12.94
N ILE K 20 18.00 -6.86 -12.44
CA ILE K 20 17.75 -5.41 -12.33
C ILE K 20 17.55 -4.76 -13.69
N ARG K 21 18.41 -5.09 -14.64
CA ARG K 21 18.32 -4.51 -15.97
C ARG K 21 17.01 -4.90 -16.63
N GLU K 22 16.73 -6.19 -16.59
CA GLU K 22 15.57 -6.74 -17.30
C GLU K 22 14.23 -6.38 -16.69
N VAL K 23 14.14 -6.41 -15.37
CA VAL K 23 12.90 -6.02 -14.72
C VAL K 23 12.62 -4.55 -14.98
N SER K 24 13.68 -3.74 -14.96
CA SER K 24 13.54 -2.31 -15.18
C SER K 24 12.97 -2.02 -16.57
N GLU K 25 13.36 -2.81 -17.54
CA GLU K 25 12.88 -2.61 -18.88
C GLU K 25 11.47 -3.06 -19.02
N ALA K 26 11.14 -4.13 -18.36
CA ALA K 26 9.77 -4.66 -18.38
C ALA K 26 8.80 -3.62 -17.81
N ILE K 27 9.21 -2.99 -16.71
CA ILE K 27 8.40 -1.95 -16.07
C ILE K 27 8.25 -0.74 -16.98
N SER K 28 9.36 -0.31 -17.58
CA SER K 28 9.38 0.93 -18.35
C SER K 28 8.46 0.87 -19.52
N ARG K 29 8.47 -0.27 -20.18
CA ARG K 29 7.73 -0.45 -21.38
C ARG K 29 6.29 -0.82 -21.14
N SER K 30 6.04 -1.46 -20.04
CA SER K 30 4.69 -1.88 -19.71
C SER K 30 3.84 -0.68 -19.34
N LEU K 31 4.47 0.27 -18.68
CA LEU K 31 3.78 1.44 -18.13
C LEU K 31 4.02 2.68 -18.96
N ASP K 32 4.77 2.53 -20.04
CA ASP K 32 5.21 3.66 -20.86
C ASP K 32 5.89 4.70 -19.99
N ALA K 33 6.68 4.22 -19.03
CA ALA K 33 7.46 5.10 -18.16
C ALA K 33 8.90 5.20 -18.62
N PRO K 34 9.52 6.39 -18.48
CA PRO K 34 10.94 6.54 -18.84
C PRO K 34 11.82 5.58 -18.05
N LEU K 35 12.73 4.89 -18.74
CA LEU K 35 13.58 3.89 -18.10
C LEU K 35 14.36 4.50 -16.94
N THR K 36 14.84 5.72 -17.10
CA THR K 36 15.67 6.36 -16.09
C THR K 36 14.92 6.61 -14.78
N SER K 37 13.59 6.52 -14.83
CA SER K 37 12.77 6.73 -13.64
C SER K 37 12.58 5.45 -12.84
N VAL K 38 12.95 4.31 -13.42
CA VAL K 38 12.70 3.02 -12.78
C VAL K 38 13.80 2.64 -11.81
N ARG K 39 13.40 2.30 -10.59
CA ARG K 39 14.34 1.84 -9.57
C ARG K 39 13.97 0.43 -9.11
N VAL K 40 14.98 -0.41 -8.93
CA VAL K 40 14.78 -1.78 -8.51
C VAL K 40 15.65 -2.08 -7.30
N ILE K 41 15.03 -2.64 -6.27
CA ILE K 41 15.72 -3.08 -5.07
C ILE K 41 15.66 -4.60 -4.99
N ILE K 42 16.82 -5.24 -4.90
CA ILE K 42 16.88 -6.68 -4.65
C ILE K 42 17.09 -6.93 -3.17
N THR K 43 16.20 -7.74 -2.60
CA THR K 43 16.30 -8.14 -1.19
C THR K 43 16.46 -9.66 -1.12
N GLU K 44 17.62 -10.12 -0.67
CA GLU K 44 17.86 -11.55 -0.57
C GLU K 44 17.33 -12.11 0.74
N MET K 45 16.72 -13.29 0.66
CA MET K 45 16.22 -14.01 1.82
C MET K 45 17.06 -15.25 2.07
N ALA K 46 17.55 -15.44 3.28
CA ALA K 46 18.17 -16.71 3.63
C ALA K 46 17.09 -17.78 3.58
N LYS K 47 17.47 -19.00 3.24
CA LYS K 47 16.51 -20.08 3.06
C LYS K 47 15.71 -20.35 4.34
N GLY K 48 16.34 -20.12 5.49
CA GLY K 48 15.66 -20.29 6.77
C GLY K 48 14.75 -19.14 7.14
N HIS K 49 14.62 -18.16 6.25
CA HIS K 49 13.80 -16.97 6.51
C HIS K 49 12.57 -16.88 5.63
N PHE K 50 12.33 -17.90 4.82
CA PHE K 50 11.19 -17.89 3.91
C PHE K 50 10.35 -19.14 4.07
N GLY K 51 9.08 -18.93 4.37
CA GLY K 51 8.15 -20.02 4.64
C GLY K 51 7.05 -20.11 3.60
N ILE K 52 6.73 -21.34 3.19
CA ILE K 52 5.54 -21.60 2.40
C ILE K 52 4.75 -22.70 3.09
N GLY K 53 3.49 -22.42 3.39
CA GLY K 53 2.64 -23.38 4.08
C GLY K 53 3.12 -23.66 5.49
N GLY K 54 3.86 -22.71 6.05
CA GLY K 54 4.33 -22.81 7.42
C GLY K 54 5.63 -23.58 7.55
N GLU K 55 6.14 -24.06 6.43
CA GLU K 55 7.37 -24.83 6.40
C GLU K 55 8.41 -24.08 5.55
N LEU K 56 9.68 -24.29 5.85
CA LEU K 56 10.74 -23.62 5.12
C LEU K 56 10.69 -24.03 3.65
N ALA K 57 11.05 -23.10 2.77
CA ALA K 57 11.03 -23.33 1.34
C ALA K 57 11.89 -24.53 0.95
N PRO L 1 3.88 6.30 13.84
CA PRO L 1 4.46 6.24 12.49
C PRO L 1 5.63 5.26 12.38
N ILE L 2 5.70 4.56 11.26
CA ILE L 2 6.75 3.59 10.99
C ILE L 2 7.41 3.93 9.67
N ALA L 3 8.70 4.23 9.70
CA ALA L 3 9.45 4.56 8.51
C ALA L 3 10.47 3.47 8.22
N GLN L 4 10.54 3.04 6.96
CA GLN L 4 11.60 2.15 6.52
C GLN L 4 12.42 2.88 5.48
N ILE L 5 13.73 2.97 5.70
CA ILE L 5 14.60 3.71 4.82
C ILE L 5 15.61 2.79 4.17
N HIS L 6 15.52 2.68 2.85
CA HIS L 6 16.49 1.93 2.07
C HIS L 6 17.66 2.82 1.68
N ILE L 7 18.86 2.41 2.06
CA ILE L 7 20.08 3.16 1.75
C ILE L 7 21.17 2.20 1.28
N LEU L 8 22.13 2.71 0.53
CA LEU L 8 23.27 1.88 0.12
C LEU L 8 24.15 1.58 1.33
N GLU L 9 24.66 0.36 1.44
CA GLU L 9 25.67 0.03 2.46
C GLU L 9 26.90 0.90 2.31
N GLY L 10 27.62 1.05 3.42
CA GLY L 10 28.90 1.73 3.42
C GLY L 10 28.99 2.83 4.45
N ARG L 11 27.85 3.20 5.01
CA ARG L 11 27.82 4.26 6.01
C ARG L 11 28.27 3.73 7.36
N SER L 12 28.82 4.62 8.18
CA SER L 12 29.23 4.28 9.53
C SER L 12 28.01 4.09 10.41
N ASP L 13 28.20 3.44 11.55
CA ASP L 13 27.14 3.31 12.54
C ASP L 13 26.64 4.68 13.01
N GLU L 14 27.58 5.60 13.24
CA GLU L 14 27.21 6.92 13.73
C GLU L 14 26.34 7.70 12.73
N GLN L 15 26.67 7.59 11.44
CA GLN L 15 25.88 8.23 10.39
C GLN L 15 24.45 7.70 10.38
N LYS L 16 24.30 6.39 10.57
CA LYS L 16 22.99 5.76 10.59
C LYS L 16 22.22 6.13 11.84
N GLU L 17 22.93 6.30 12.95
CA GLU L 17 22.33 6.75 14.20
C GLU L 17 21.79 8.16 13.99
N THR L 18 22.57 8.99 13.32
CA THR L 18 22.16 10.35 12.98
C THR L 18 20.93 10.34 12.08
N LEU L 19 20.96 9.47 11.07
CA LEU L 19 19.83 9.33 10.15
C LEU L 19 18.55 9.02 10.91
N ILE L 20 18.62 8.07 11.83
CA ILE L 20 17.46 7.66 12.60
C ILE L 20 16.93 8.81 13.44
N ARG L 21 17.84 9.52 14.10
CA ARG L 21 17.45 10.63 14.96
C ARG L 21 16.80 11.75 14.18
N GLU L 22 17.43 12.16 13.09
CA GLU L 22 16.95 13.32 12.35
C GLU L 22 15.63 13.01 11.65
N VAL L 23 15.51 11.80 11.09
CA VAL L 23 14.26 11.41 10.43
C VAL L 23 13.14 11.31 11.46
N SER L 24 13.43 10.75 12.62
CA SER L 24 12.41 10.57 13.65
C SER L 24 11.86 11.92 14.12
N GLU L 25 12.76 12.88 14.32
CA GLU L 25 12.35 14.21 14.70
C GLU L 25 11.57 14.89 13.57
N ALA L 26 12.01 14.69 12.33
CA ALA L 26 11.32 15.28 11.17
C ALA L 26 9.89 14.77 11.08
N ILE L 27 9.71 13.48 11.29
CA ILE L 27 8.39 12.86 11.30
C ILE L 27 7.58 13.43 12.46
N SER L 28 8.21 13.47 13.63
CA SER L 28 7.56 13.94 14.84
C SER L 28 7.04 15.37 14.70
N ARG L 29 7.88 16.27 14.21
CA ARG L 29 7.52 17.68 14.06
CA ARG L 29 7.50 17.67 14.07
C ARG L 29 6.48 17.89 12.96
N SER L 30 6.59 17.10 11.89
CA SER L 30 5.67 17.22 10.76
C SER L 30 4.24 16.84 11.11
N LEU L 31 4.09 15.81 11.94
CA LEU L 31 2.77 15.26 12.25
C LEU L 31 2.27 15.64 13.64
N ASP L 32 3.09 16.38 14.38
CA ASP L 32 2.80 16.69 15.78
C ASP L 32 2.50 15.39 16.51
N ALA L 33 3.26 14.36 16.19
CA ALA L 33 3.14 13.07 16.84
C ALA L 33 4.21 12.94 17.92
N PRO L 34 3.87 12.27 19.03
CA PRO L 34 4.89 12.08 20.08
C PRO L 34 6.12 11.38 19.51
N LEU L 35 7.29 11.91 19.82
CA LEU L 35 8.54 11.38 19.29
C LEU L 35 8.66 9.90 19.62
N THR L 36 8.21 9.52 20.81
CA THR L 36 8.32 8.14 21.28
C THR L 36 7.50 7.16 20.45
N SER L 37 6.58 7.66 19.66
CA SER L 37 5.73 6.80 18.82
C SER L 37 6.38 6.50 17.48
N VAL L 38 7.45 7.24 17.15
CA VAL L 38 8.08 7.11 15.84
C VAL L 38 9.09 5.98 15.84
N ARG L 39 8.94 5.08 14.88
CA ARG L 39 9.90 3.99 14.69
C ARG L 39 10.52 4.06 13.30
N VAL L 40 11.81 3.79 13.24
CA VAL L 40 12.57 3.84 12.01
C VAL L 40 13.34 2.54 11.80
N ILE L 41 13.20 1.99 10.60
CA ILE L 41 13.93 0.79 10.20
C ILE L 41 14.90 1.19 9.08
N ILE L 42 16.18 0.92 9.29
CA ILE L 42 17.17 1.11 8.24
C ILE L 42 17.42 -0.22 7.55
N THR L 43 17.24 -0.22 6.23
CA THR L 43 17.50 -1.39 5.42
C THR L 43 18.61 -1.07 4.44
N GLU L 44 19.74 -1.73 4.62
CA GLU L 44 20.88 -1.48 3.77
C GLU L 44 20.86 -2.33 2.49
N MET L 45 21.23 -1.70 1.36
CA MET L 45 21.32 -2.39 0.07
C MET L 45 22.77 -2.51 -0.37
N ALA L 46 23.19 -3.72 -0.74
CA ALA L 46 24.50 -3.90 -1.37
C ALA L 46 24.49 -3.20 -2.73
N LYS L 47 25.64 -2.74 -3.18
CA LYS L 47 25.71 -1.96 -4.41
C LYS L 47 25.19 -2.74 -5.62
N GLY L 48 25.38 -4.05 -5.60
CA GLY L 48 24.90 -4.90 -6.68
C GLY L 48 23.41 -5.21 -6.57
N HIS L 49 22.74 -4.61 -5.60
CA HIS L 49 21.33 -4.88 -5.37
C HIS L 49 20.41 -3.69 -5.64
N PHE L 50 20.97 -2.58 -6.11
CA PHE L 50 20.17 -1.39 -6.36
C PHE L 50 20.40 -0.87 -7.77
N GLY L 51 19.30 -0.75 -8.51
CA GLY L 51 19.35 -0.34 -9.90
C GLY L 51 18.64 0.97 -10.13
N ILE L 52 19.24 1.83 -10.96
CA ILE L 52 18.54 3.02 -11.44
C ILE L 52 18.62 3.01 -12.96
N GLY L 53 17.47 3.02 -13.62
CA GLY L 53 17.43 2.96 -15.08
C GLY L 53 17.99 1.66 -15.61
N GLY L 54 17.94 0.62 -14.78
CA GLY L 54 18.38 -0.70 -15.18
C GLY L 54 19.87 -0.91 -14.97
N GLU L 55 20.55 0.11 -14.47
CA GLU L 55 21.99 0.03 -14.23
C GLU L 55 22.30 0.16 -12.74
N LEU L 56 23.36 -0.51 -12.31
CA LEU L 56 23.78 -0.51 -10.91
C LEU L 56 24.24 0.86 -10.45
N ALA L 57 23.98 1.18 -9.19
CA ALA L 57 24.40 2.45 -8.60
C ALA L 57 25.86 2.40 -8.17
O N80 M 1 41.06 -30.49 6.20
C N80 M 1 42.19 -30.13 6.39
CA N80 M 1 43.23 -31.27 6.32
CB N80 M 1 43.55 -31.58 4.88
CG N80 M 1 43.84 -33.02 4.88
CD N80 M 1 43.17 -33.66 6.02
N N80 M 1 42.67 -32.53 6.79
CAD N80 M 1 42.83 -32.73 8.16
CAA N80 M 1 43.97 -32.40 8.83
N ILE M 2 42.38 -29.09 6.65
CA ILE M 2 41.40 -28.01 6.73
C ILE M 2 41.84 -26.84 5.86
N ALA M 3 41.02 -26.51 4.88
CA ALA M 3 41.33 -25.42 3.98
C ALA M 3 40.34 -24.29 4.19
N GLN M 4 40.86 -23.06 4.26
CA GLN M 4 40.03 -21.87 4.26
C GLN M 4 40.37 -21.06 3.02
N ILE M 5 39.35 -20.76 2.21
CA ILE M 5 39.55 -20.06 0.95
C ILE M 5 38.84 -18.72 0.97
N HIS M 6 39.61 -17.65 0.89
CA HIS M 6 39.06 -16.31 0.77
C HIS M 6 38.83 -15.99 -0.69
N ILE M 7 37.58 -15.64 -1.01
CA ILE M 7 37.19 -15.28 -2.36
C ILE M 7 36.32 -14.04 -2.31
N LEU M 8 36.26 -13.32 -3.41
CA LEU M 8 35.39 -12.16 -3.49
C LEU M 8 33.93 -12.58 -3.55
N GLU M 9 33.08 -11.79 -2.90
CA GLU M 9 31.63 -11.97 -3.03
C GLU M 9 31.23 -11.90 -4.50
N GLY M 10 30.10 -12.54 -4.82
CA GLY M 10 29.49 -12.42 -6.14
C GLY M 10 29.21 -13.74 -6.83
N ARG M 11 29.79 -14.83 -6.32
CA ARG M 11 29.61 -16.14 -6.92
C ARG M 11 28.27 -16.75 -6.55
N SER M 12 27.75 -17.62 -7.41
CA SER M 12 26.53 -18.36 -7.11
C SER M 12 26.83 -19.45 -6.10
N ASP M 13 25.78 -19.95 -5.46
CA ASP M 13 25.90 -21.10 -4.56
C ASP M 13 26.49 -22.31 -5.29
N GLU M 14 26.05 -22.51 -6.53
CA GLU M 14 26.46 -23.66 -7.33
C GLU M 14 27.96 -23.65 -7.58
N GLN M 15 28.46 -22.48 -7.97
CA GLN M 15 29.89 -22.30 -8.22
C GLN M 15 30.71 -22.53 -6.95
N LYS M 16 30.22 -22.04 -5.82
CA LYS M 16 30.91 -22.21 -4.54
C LYS M 16 30.89 -23.67 -4.12
N GLU M 17 29.80 -24.37 -4.44
CA GLU M 17 29.69 -25.79 -4.18
C GLU M 17 30.73 -26.55 -5.01
N THR M 18 30.87 -26.14 -6.26
CA THR M 18 31.85 -26.72 -7.18
C THR M 18 33.26 -26.50 -6.63
N LEU M 19 33.52 -25.29 -6.18
CA LEU M 19 34.81 -24.96 -5.58
C LEU M 19 35.15 -25.89 -4.41
N ILE M 20 34.18 -26.08 -3.52
CA ILE M 20 34.39 -26.92 -2.33
C ILE M 20 34.67 -28.37 -2.71
N ARG M 21 33.88 -28.91 -3.63
CA ARG M 21 34.01 -30.30 -4.02
C ARG M 21 35.37 -30.55 -4.66
N GLU M 22 35.74 -29.68 -5.59
CA GLU M 22 36.96 -29.86 -6.36
C GLU M 22 38.23 -29.66 -5.53
N VAL M 23 38.23 -28.66 -4.65
CA VAL M 23 39.37 -28.43 -3.77
C VAL M 23 39.52 -29.62 -2.83
N SER M 24 38.40 -30.14 -2.34
CA SER M 24 38.42 -31.28 -1.44
C SER M 24 39.03 -32.50 -2.15
N GLU M 25 38.65 -32.68 -3.41
CA GLU M 25 39.16 -33.79 -4.21
C GLU M 25 40.68 -33.64 -4.44
N ALA M 26 41.11 -32.41 -4.72
CA ALA M 26 42.53 -32.13 -4.95
C ALA M 26 43.36 -32.42 -3.71
N ILE M 27 42.85 -32.00 -2.56
CA ILE M 27 43.55 -32.23 -1.29
C ILE M 27 43.62 -33.72 -0.98
N SER M 28 42.50 -34.42 -1.16
CA SER M 28 42.42 -35.84 -0.87
C SER M 28 43.46 -36.67 -1.62
N ARG M 29 43.60 -36.05 -3.10
CA ARG M 29 44.54 -36.95 -3.75
C ARG M 29 46.00 -36.53 -3.54
N SER M 30 46.10 -35.57 -3.42
CA SER M 30 47.45 -35.02 -3.32
C SER M 30 48.15 -35.59 -2.10
N LEU M 31 47.37 -35.79 -1.04
CA LEU M 31 47.91 -36.24 0.24
C LEU M 31 47.59 -37.71 0.50
N ASP M 32 46.84 -38.33 -0.41
CA ASP M 32 46.34 -39.68 -0.21
C ASP M 32 45.65 -39.75 1.15
N ALA M 33 44.92 -38.68 1.46
CA ALA M 33 44.15 -38.59 2.69
C ALA M 33 42.70 -38.97 2.44
N PRO M 34 42.06 -39.61 3.42
CA PRO M 34 40.63 -39.92 3.24
C PRO M 34 39.82 -38.67 2.98
N LEU M 35 38.98 -38.72 1.96
CA LEU M 35 38.14 -37.59 1.60
C LEU M 35 37.33 -37.08 2.79
N THR M 36 36.82 -38.03 3.58
CA THR M 36 35.94 -37.70 4.70
C THR M 36 36.64 -36.87 5.77
N SER M 37 37.97 -36.84 5.71
CA SER M 37 38.75 -36.06 6.66
C SER M 37 38.95 -34.61 6.21
N VAL M 38 38.65 -34.33 4.93
CA VAL M 38 38.92 -33.01 4.36
C VAL M 38 37.79 -32.02 4.62
N ARG M 39 38.16 -30.87 5.18
CA ARG M 39 37.20 -29.79 5.44
C ARG M 39 37.57 -28.51 4.69
N VAL M 40 36.56 -27.87 4.12
CA VAL M 40 36.79 -26.64 3.37
C VAL M 40 35.83 -25.56 3.86
N ILE M 41 36.42 -24.40 4.15
CA ILE M 41 35.67 -23.23 4.57
C ILE M 41 35.80 -22.17 3.48
N ILE M 42 34.66 -21.68 2.98
CA ILE M 42 34.66 -20.54 2.08
C ILE M 42 34.38 -19.28 2.89
N THR M 43 35.28 -18.31 2.77
CA THR M 43 35.09 -17.02 3.40
C THR M 43 35.00 -15.95 2.32
N GLU M 44 33.82 -15.35 2.19
CA GLU M 44 33.60 -14.33 1.18
C GLU M 44 34.06 -12.99 1.68
N MET M 45 34.70 -12.22 0.80
CA MET M 45 35.15 -10.88 1.12
C MET M 45 34.27 -9.90 0.36
N ALA M 46 33.74 -8.91 1.08
CA ALA M 46 33.05 -7.82 0.41
C ALA M 46 34.09 -7.09 -0.44
N LYS M 47 33.69 -6.53 -1.57
CA LYS M 47 34.66 -5.88 -2.44
C LYS M 47 35.39 -4.71 -1.77
N GLY M 48 34.72 -4.05 -0.84
CA GLY M 48 35.35 -2.97 -0.09
C GLY M 48 36.26 -3.46 1.03
N HIS M 49 36.43 -4.77 1.15
CA HIS M 49 37.23 -5.34 2.25
C HIS M 49 38.52 -6.01 1.81
N PHE M 50 38.85 -5.94 0.53
CA PHE M 50 40.04 -6.61 0.01
C PHE M 50 40.88 -5.65 -0.80
N GLY M 51 42.14 -5.49 -0.38
CA GLY M 51 43.06 -4.56 -1.01
C GLY M 51 44.24 -5.27 -1.64
N ILE M 52 44.65 -4.81 -2.82
CA ILE M 52 45.90 -5.24 -3.41
C ILE M 52 46.72 -4.01 -3.74
N GLY M 53 47.92 -3.92 -3.18
CA GLY M 53 48.77 -2.79 -3.39
C GLY M 53 48.09 -1.54 -2.87
N GLY M 54 47.19 -1.72 -1.91
CA GLY M 54 46.49 -0.60 -1.31
C GLY M 54 45.25 -0.22 -2.10
N GLU M 55 44.98 -0.96 -3.17
CA GLU M 55 43.85 -0.65 -4.03
C GLU M 55 42.79 -1.76 -3.95
N LEU M 56 41.53 -1.35 -4.00
CA LEU M 56 40.41 -2.28 -3.92
C LEU M 56 40.26 -3.16 -5.15
N ALA M 57 39.79 -4.38 -4.92
CA ALA M 57 39.56 -5.35 -5.99
C ALA M 57 38.23 -5.08 -6.69
O N80 N 1 43.47 -15.33 23.63
C N80 N 1 44.36 -15.87 23.01
CA N80 N 1 45.40 -16.49 23.92
CB N80 N 1 44.73 -17.53 24.79
CG N80 N 1 45.19 -17.27 26.17
CD N80 N 1 46.04 -16.07 26.21
N N80 N 1 45.84 -15.50 24.88
CAD N80 N 1 46.66 -14.52 24.40
CAA N80 N 1 47.85 -14.30 24.89
N ILE N 2 44.44 -16.03 21.87
CA ILE N 2 43.38 -15.58 20.94
C ILE N 2 42.79 -16.79 20.23
N ALA N 3 41.48 -17.01 20.42
CA ALA N 3 40.81 -18.14 19.79
C ALA N 3 39.84 -17.65 18.74
N GLN N 4 39.86 -18.30 17.58
CA GLN N 4 38.86 -18.08 16.55
C GLN N 4 38.11 -19.37 16.32
N ILE N 5 36.79 -19.32 16.43
CA ILE N 5 35.95 -20.51 16.31
C ILE N 5 35.01 -20.37 15.13
N HIS N 6 35.18 -21.25 14.15
CA HIS N 6 34.27 -21.34 13.02
C HIS N 6 33.13 -22.28 13.37
N ILE N 7 31.91 -21.77 13.29
CA ILE N 7 30.71 -22.55 13.56
C ILE N 7 29.68 -22.28 12.47
N LEU N 8 28.76 -23.21 12.26
CA LEU N 8 27.70 -23.00 11.30
C LEU N 8 26.72 -21.95 11.81
N GLU N 9 26.22 -21.12 10.90
CA GLU N 9 25.17 -20.15 11.24
C GLU N 9 23.94 -20.86 11.80
N GLY N 10 23.16 -20.14 12.59
CA GLY N 10 21.89 -20.65 13.05
C GLY N 10 21.70 -20.62 14.55
N ARG N 11 22.79 -20.41 15.29
CA ARG N 11 22.74 -20.38 16.74
C ARG N 11 22.17 -19.04 17.20
N SER N 12 21.51 -19.03 18.34
CA SER N 12 21.01 -17.79 18.91
C SER N 12 22.18 -16.99 19.49
N ASP N 13 21.95 -15.71 19.71
CA ASP N 13 22.92 -14.85 20.37
C ASP N 13 23.31 -15.43 21.73
N GLU N 14 22.30 -15.93 22.44
CA GLU N 14 22.51 -16.45 23.78
C GLU N 14 23.45 -17.67 23.77
N GLN N 15 23.26 -18.58 22.83
CA GLN N 15 24.11 -19.77 22.80
CA GLN N 15 24.10 -19.78 22.70
C GLN N 15 25.54 -19.40 22.40
N LYS N 16 25.69 -18.39 21.54
CA LYS N 16 27.01 -17.93 21.14
C LYS N 16 27.69 -17.26 22.33
N GLU N 17 26.89 -16.59 23.15
CA GLU N 17 27.40 -15.99 24.38
C GLU N 17 27.94 -17.07 25.31
N THR N 18 27.19 -18.17 25.43
CA THR N 18 27.61 -19.30 26.26
C THR N 18 28.89 -19.92 25.71
N LEU N 19 28.94 -20.13 24.40
CA LEU N 19 30.12 -20.69 23.74
C LEU N 19 31.36 -19.85 24.03
N ILE N 20 31.24 -18.53 23.89
CA ILE N 20 32.36 -17.65 24.12
C ILE N 20 32.87 -17.73 25.53
N ARG N 21 31.94 -17.69 26.48
CA ARG N 21 32.32 -17.69 27.87
C ARG N 21 32.97 -19.01 28.28
N GLU N 22 32.35 -20.12 27.87
CA GLU N 22 32.82 -21.43 28.30
C GLU N 22 34.18 -21.75 27.71
N VAL N 23 34.38 -21.37 26.45
CA VAL N 23 35.68 -21.56 25.80
C VAL N 23 36.72 -20.70 26.51
N SER N 24 36.34 -19.48 26.84
CA SER N 24 37.26 -18.56 27.50
C SER N 24 37.68 -19.12 28.86
N GLU N 25 36.72 -19.69 29.58
CA GLU N 25 37.01 -20.31 30.88
C GLU N 25 37.93 -21.52 30.69
N ALA N 26 37.66 -22.31 29.64
CA ALA N 26 38.44 -23.49 29.35
C ALA N 26 39.89 -23.14 29.03
N ILE N 27 40.08 -22.09 28.24
CA ILE N 27 41.42 -21.62 27.91
C ILE N 27 42.10 -21.14 29.18
N SER N 28 41.37 -20.37 29.97
CA SER N 28 41.89 -19.78 31.20
C SER N 28 42.43 -20.84 32.19
N ARG N 29 41.62 -21.83 32.51
CA ARG N 29 42.03 -22.84 33.49
C ARG N 29 43.08 -23.78 32.90
N SER N 30 42.99 -24.07 31.61
CA SER N 30 43.96 -24.97 30.97
C SER N 30 45.38 -24.40 30.99
N LEU N 31 45.51 -23.09 30.79
CA LEU N 31 46.81 -22.44 30.63
C LEU N 31 47.27 -21.60 31.84
N ASP N 32 46.40 -21.49 32.84
CA ASP N 32 46.58 -20.56 33.97
C ASP N 32 46.89 -19.16 33.42
N ALA N 33 46.10 -18.76 32.42
CA ALA N 33 46.16 -17.40 31.91
C ALA N 33 45.02 -16.65 32.60
N PRO N 34 45.22 -15.36 32.92
CA PRO N 34 44.12 -14.60 33.51
C PRO N 34 42.92 -14.60 32.57
N LEU N 35 41.73 -14.84 33.10
CA LEU N 35 40.52 -14.92 32.27
C LEU N 35 40.41 -13.67 31.42
N THR N 36 40.78 -12.53 31.98
CA THR N 36 40.68 -11.24 31.30
C THR N 36 41.59 -11.12 30.07
N SER N 37 42.57 -12.00 29.94
CA SER N 37 43.50 -11.94 28.81
C SER N 37 43.02 -12.73 27.59
N VAL N 38 42.00 -13.55 27.79
CA VAL N 38 41.53 -14.44 26.74
C VAL N 38 40.56 -13.74 25.80
N ARG N 39 40.85 -13.83 24.51
CA ARG N 39 39.98 -13.27 23.47
C ARG N 39 39.43 -14.37 22.58
N VAL N 40 38.14 -14.27 22.28
CA VAL N 40 37.48 -15.27 21.46
C VAL N 40 36.72 -14.59 20.32
N ILE N 41 36.96 -15.08 19.12
CA ILE N 41 36.26 -14.61 17.92
C ILE N 41 35.38 -15.72 17.39
N ILE N 42 34.09 -15.44 17.25
CA ILE N 42 33.19 -16.38 16.59
C ILE N 42 33.04 -15.96 15.14
N THR N 43 33.31 -16.91 14.24
CA THR N 43 33.13 -16.68 12.81
C THR N 43 32.08 -17.65 12.32
N GLU N 44 30.95 -17.11 11.90
CA GLU N 44 29.86 -17.94 11.41
C GLU N 44 30.05 -18.28 9.94
N MET N 45 29.76 -19.52 9.60
CA MET N 45 29.81 -19.99 8.22
C MET N 45 28.41 -20.25 7.70
N ALA N 46 28.09 -19.70 6.53
CA ALA N 46 26.85 -20.05 5.89
C ALA N 46 26.89 -21.54 5.56
N LYS N 47 25.74 -22.20 5.55
CA LYS N 47 25.72 -23.64 5.32
C LYS N 47 26.29 -24.04 3.97
N GLY N 48 26.14 -23.16 2.98
CA GLY N 48 26.68 -23.40 1.65
C GLY N 48 28.16 -23.07 1.55
N HIS N 49 28.79 -22.69 2.65
CA HIS N 49 30.20 -22.30 2.65
C HIS N 49 31.09 -23.28 3.42
N PHE N 50 30.53 -24.38 3.89
CA PHE N 50 31.30 -25.35 4.67
C PHE N 50 31.14 -26.76 4.13
N GLY N 51 32.28 -27.38 3.82
CA GLY N 51 32.31 -28.73 3.27
C GLY N 51 32.99 -29.73 4.19
N ILE N 52 32.40 -30.91 4.29
CA ILE N 52 33.03 -32.07 4.94
C ILE N 52 33.02 -33.19 3.95
N GLY N 53 34.20 -33.71 3.61
CA GLY N 53 34.30 -34.77 2.64
C GLY N 53 33.80 -34.33 1.28
N GLY N 54 33.84 -33.03 1.01
CA GLY N 54 33.42 -32.54 -0.29
C GLY N 54 31.92 -32.32 -0.28
N GLU N 55 31.29 -32.53 0.88
CA GLU N 55 29.85 -32.44 1.00
C GLU N 55 29.46 -31.23 1.81
N LEU N 56 28.42 -30.53 1.37
CA LEU N 56 27.91 -29.37 2.06
C LEU N 56 27.24 -29.74 3.39
N ALA N 57 27.25 -28.80 4.31
CA ALA N 57 26.58 -29.00 5.60
C ALA N 57 25.08 -28.82 5.42
N SER N 58 24.67 -28.57 4.18
CA SER N 58 23.26 -28.51 3.81
C SER N 58 22.76 -29.90 3.43
O N80 O 1 50.57 -9.81 1.24
C N80 O 1 51.16 -10.37 2.18
CA N80 O 1 52.69 -10.34 2.23
CB N80 O 1 53.19 -9.21 3.12
CG N80 O 1 54.44 -8.70 2.46
CD N80 O 1 54.41 -9.10 1.00
N N80 O 1 53.25 -10.01 0.91
CAD N80 O 1 53.55 -11.15 0.17
CAA N80 O 1 54.22 -12.18 0.70
N ILE O 2 50.53 -11.03 3.15
CA ILE O 2 49.06 -11.08 3.24
C ILE O 2 48.65 -10.76 4.67
N ALA O 3 47.88 -9.69 4.84
CA ALA O 3 47.42 -9.28 6.16
C ALA O 3 45.92 -9.46 6.28
N GLN O 4 45.49 -10.04 7.39
CA GLN O 4 44.07 -10.11 7.74
C GLN O 4 43.82 -9.37 9.03
N ILE O 5 42.91 -8.41 9.00
CA ILE O 5 42.62 -7.58 10.17
C ILE O 5 41.19 -7.78 10.64
N HIS O 6 41.01 -8.30 11.84
CA HIS O 6 39.70 -8.44 12.44
C HIS O 6 39.35 -7.15 13.18
N ILE O 7 38.22 -6.55 12.81
CA ILE O 7 37.77 -5.31 13.45
C ILE O 7 36.28 -5.42 13.77
N LEU O 8 35.81 -4.64 14.74
CA LEU O 8 34.40 -4.63 15.05
C LEU O 8 33.62 -3.92 13.95
N GLU O 9 32.44 -4.44 13.65
CA GLU O 9 31.52 -3.81 12.71
C GLU O 9 31.18 -2.39 13.10
N GLY O 10 30.82 -1.56 12.12
CA GLY O 10 30.31 -0.23 12.38
C GLY O 10 31.03 0.90 11.65
N ARG O 11 32.19 0.61 11.07
CA ARG O 11 32.97 1.64 10.38
C ARG O 11 32.45 1.88 8.96
N SER O 12 32.68 3.09 8.45
CA SER O 12 32.29 3.43 7.09
C SER O 12 33.20 2.79 6.05
N ASP O 13 32.74 2.75 4.80
CA ASP O 13 33.55 2.27 3.69
C ASP O 13 34.85 3.06 3.55
N GLU O 14 34.76 4.39 3.69
CA GLU O 14 35.93 5.24 3.55
C GLU O 14 37.00 4.97 4.60
N GLN O 15 36.58 4.82 5.85
CA GLN O 15 37.52 4.53 6.92
C GLN O 15 38.22 3.20 6.70
N LYS O 16 37.47 2.19 6.24
CA LYS O 16 38.05 0.88 5.98
C LYS O 16 38.99 0.92 4.78
N GLU O 17 38.65 1.74 3.79
CA GLU O 17 39.53 1.93 2.63
C GLU O 17 40.84 2.57 3.11
N THR O 18 40.73 3.53 4.03
CA THR O 18 41.90 4.16 4.62
C THR O 18 42.74 3.16 5.40
N LEU O 19 42.08 2.34 6.21
CA LEU O 19 42.76 1.29 6.98
C LEU O 19 43.59 0.43 6.07
N ILE O 20 42.98 0.01 4.95
CA ILE O 20 43.65 -0.86 4.00
C ILE O 20 44.90 -0.16 3.45
N ARG O 21 44.76 1.10 3.07
CA ARG O 21 45.89 1.83 2.53
C ARG O 21 46.98 2.04 3.56
N GLU O 22 46.63 2.50 4.76
CA GLU O 22 47.63 2.85 5.76
C GLU O 22 48.40 1.62 6.21
N VAL O 23 47.71 0.51 6.39
CA VAL O 23 48.36 -0.74 6.77
C VAL O 23 49.24 -1.23 5.62
N SER O 24 48.74 -1.13 4.40
CA SER O 24 49.49 -1.57 3.23
C SER O 24 50.79 -0.78 3.07
N GLU O 25 50.72 0.52 3.30
CA GLU O 25 51.91 1.36 3.21
C GLU O 25 52.92 0.96 4.28
N ALA O 26 52.43 0.74 5.50
CA ALA O 26 53.29 0.37 6.62
C ALA O 26 54.00 -0.97 6.36
N ILE O 27 53.26 -1.94 5.82
CA ILE O 27 53.85 -3.24 5.49
C ILE O 27 54.91 -3.06 4.41
N SER O 28 54.57 -2.30 3.37
CA SER O 28 55.47 -2.09 2.24
C SER O 28 56.81 -1.48 2.64
N ARG O 29 56.80 -0.39 3.38
CA ARG O 29 58.05 0.29 3.74
C ARG O 29 58.84 -0.52 4.79
N SER O 30 58.12 -1.19 5.69
CA SER O 30 58.77 -1.95 6.74
C SER O 30 59.61 -3.10 6.17
N LEU O 31 59.12 -3.71 5.09
CA LEU O 31 59.76 -4.90 4.51
C LEU O 31 60.50 -4.58 3.21
N ASP O 32 60.42 -3.34 2.75
CA ASP O 32 60.95 -2.94 1.44
C ASP O 32 60.46 -3.90 0.37
N ALA O 33 59.18 -4.28 0.48
CA ALA O 33 58.54 -5.14 -0.50
C ALA O 33 57.73 -4.31 -1.48
N PRO O 34 57.66 -4.74 -2.76
CA PRO O 34 56.85 -4.01 -3.73
C PRO O 34 55.41 -3.89 -3.26
N LEU O 35 54.83 -2.70 -3.32
CA LEU O 35 53.47 -2.47 -2.83
C LEU O 35 52.48 -3.41 -3.49
N THR O 36 52.65 -3.67 -4.78
CA THR O 36 51.71 -4.50 -5.54
C THR O 36 51.65 -5.95 -5.04
N SER O 37 52.62 -6.35 -4.23
CA SER O 37 52.63 -7.71 -3.69
C SER O 37 51.83 -7.82 -2.39
N VAL O 38 51.48 -6.66 -1.82
CA VAL O 38 50.81 -6.62 -0.52
C VAL O 38 49.30 -6.79 -0.67
N ARG O 39 48.74 -7.75 0.05
CA ARG O 39 47.29 -7.95 0.09
C ARG O 39 46.75 -7.79 1.51
N VAL O 40 45.60 -7.14 1.63
CA VAL O 40 44.99 -6.90 2.94
C VAL O 40 43.53 -7.34 2.91
N ILE O 41 43.16 -8.11 3.92
CA ILE O 41 41.78 -8.57 4.10
C ILE O 41 41.20 -7.95 5.36
N ILE O 42 40.06 -7.26 5.24
CA ILE O 42 39.35 -6.78 6.40
C ILE O 42 38.23 -7.75 6.74
N THR O 43 38.21 -8.22 7.99
CA THR O 43 37.16 -9.11 8.48
C THR O 43 36.40 -8.44 9.60
N GLU O 44 35.13 -8.15 9.36
CA GLU O 44 34.31 -7.50 10.37
C GLU O 44 33.70 -8.51 11.32
N MET O 45 33.71 -8.17 12.60
CA MET O 45 33.11 -9.00 13.64
C MET O 45 31.87 -8.31 14.18
N ALA O 46 30.76 -9.03 14.25
CA ALA O 46 29.60 -8.54 14.95
C ALA O 46 29.94 -8.40 16.42
N LYS O 47 29.32 -7.45 17.10
CA LYS O 47 29.65 -7.13 18.48
C LYS O 47 29.41 -8.34 19.38
N GLY O 48 28.41 -9.14 19.02
CA GLY O 48 28.07 -10.34 19.76
C GLY O 48 28.95 -11.54 19.45
N HIS O 49 29.96 -11.34 18.59
CA HIS O 49 30.83 -12.44 18.16
C HIS O 49 32.25 -12.29 18.67
N PHE O 50 32.48 -11.27 19.51
CA PHE O 50 33.82 -11.02 20.02
C PHE O 50 33.82 -10.93 21.52
N GLY O 51 34.64 -11.76 22.15
CA GLY O 51 34.72 -11.81 23.59
C GLY O 51 36.08 -11.37 24.08
N ILE O 52 36.07 -10.57 25.13
CA ILE O 52 37.28 -10.22 25.88
C ILE O 52 37.00 -10.53 27.34
N GLY O 53 37.84 -11.36 27.93
CA GLY O 53 37.64 -11.79 29.30
C GLY O 53 36.40 -12.65 29.46
N GLY O 54 35.97 -13.30 28.38
CA GLY O 54 34.84 -14.20 28.41
C GLY O 54 33.50 -13.49 28.22
N GLU O 55 33.55 -12.17 28.06
CA GLU O 55 32.35 -11.37 27.88
C GLU O 55 32.31 -10.66 26.53
N LEU O 56 31.09 -10.46 26.04
CA LEU O 56 30.88 -9.79 24.77
C LEU O 56 31.40 -8.37 24.85
N ALA O 57 31.70 -7.78 23.70
CA ALA O 57 32.26 -6.44 23.66
C ALA O 57 31.21 -5.37 23.95
N SER O 58 29.97 -5.79 24.23
CA SER O 58 28.92 -4.90 24.69
C SER O 58 29.44 -3.94 25.77
CO NCO P . -34.78 -15.73 -2.07
N1 NCO P . -34.12 -17.55 -2.46
N2 NCO P . -35.44 -13.90 -1.69
N3 NCO P . -33.38 -14.97 -3.25
N4 NCO P . -33.54 -15.59 -0.53
N5 NCO P . -36.19 -16.48 -0.91
N6 NCO P . -36.01 -15.84 -3.62
CO NCO Q . -21.98 27.67 15.79
N1 NCO Q . -22.26 25.75 15.56
N2 NCO Q . -21.84 29.62 15.96
N3 NCO Q . -20.14 27.56 15.09
N4 NCO Q . -21.12 27.41 17.54
N5 NCO Q . -23.80 27.76 16.51
N6 NCO Q . -22.64 27.98 13.98
#